data_4WEO
#
_entry.id   4WEO
#
_cell.length_a   155.710
_cell.length_b   85.490
_cell.length_c   76.520
_cell.angle_alpha   90.00
_cell.angle_beta   92.27
_cell.angle_gamma   90.00
#
_symmetry.space_group_name_H-M   'C 1 2 1'
#
loop_
_entity.id
_entity.type
_entity.pdbx_description
1 polymer 'Putative acetoin(Diacetyl) reductase'
2 non-polymer 1,2-ETHANEDIOL
3 non-polymer GLYCEROL
4 non-polymer 'MAGNESIUM ION'
5 non-polymer 'CHLORIDE ION'
6 water water
#
_entity_poly.entity_id   1
_entity_poly.type   'polypeptide(L)'
_entity_poly.pdbx_seq_one_letter_code
;MAHHHHHHMTAPLEGQVAIVTGGARGIGRGIALTLAGAGANILLADLLDDALDATAREVRALGRRAAIAKVDVTQAAQVD
AMVAQALADLGGLDILVNCAGVISIHPVAELTERDWDFVMNVNAKGTFLGCRAALAHLKAQGRGRIINVASIAGKEGFPN
LAHYSASKFAVVGFTNALAKELARDGVTVNAICPGIVRTYMWDRLSDEWKTDGESVEQSWQRHQLTLIPQGRAQTPEDMG
RLALFFATMDNVTGQAVNVDGGFTFH
;
_entity_poly.pdbx_strand_id   A,B,C,D
#
# COMPACT_ATOMS: atom_id res chain seq x y z
N ALA A 11 0.67 23.55 26.89
CA ALA A 11 -0.70 23.20 26.49
C ALA A 11 -0.99 23.63 25.06
N PRO A 12 -0.55 22.82 24.09
CA PRO A 12 -0.74 23.11 22.65
C PRO A 12 -2.21 23.22 22.24
N LEU A 13 -3.11 22.61 23.00
CA LEU A 13 -4.53 22.62 22.64
C LEU A 13 -5.33 23.58 23.51
N GLU A 14 -4.63 24.51 24.16
CA GLU A 14 -5.27 25.49 25.04
C GLU A 14 -6.36 26.25 24.32
N GLY A 15 -7.55 26.29 24.93
CA GLY A 15 -8.70 27.00 24.36
C GLY A 15 -9.52 26.20 23.37
N GLN A 16 -9.05 24.99 23.02
CA GLN A 16 -9.75 24.20 22.01
C GLN A 16 -10.76 23.24 22.63
N VAL A 17 -11.66 22.75 21.78
CA VAL A 17 -12.68 21.82 22.19
C VAL A 17 -12.62 20.57 21.32
N ALA A 18 -12.61 19.41 21.96
CA ALA A 18 -12.64 18.13 21.26
C ALA A 18 -13.87 17.33 21.65
N ILE A 19 -14.49 16.73 20.65
CA ILE A 19 -15.50 15.69 20.86
C ILE A 19 -14.81 14.34 20.70
N VAL A 20 -15.01 13.42 21.64
CA VAL A 20 -14.51 12.05 21.48
C VAL A 20 -15.66 11.06 21.59
N THR A 21 -16.05 10.45 20.48
CA THR A 21 -17.07 9.40 20.53
C THR A 21 -16.43 8.12 21.01
N GLY A 22 -17.18 7.31 21.77
CA GLY A 22 -16.60 6.16 22.45
C GLY A 22 -15.60 6.60 23.50
N GLY A 23 -15.77 7.83 24.01
CA GLY A 23 -14.79 8.41 24.90
C GLY A 23 -14.84 7.98 26.35
N ALA A 24 -15.81 7.15 26.71
CA ALA A 24 -15.97 6.79 28.12
C ALA A 24 -15.01 5.69 28.57
N ARG A 25 -14.50 4.89 27.64
CA ARG A 25 -13.64 3.78 28.01
C ARG A 25 -12.62 3.42 26.94
N GLY A 26 -11.65 2.59 27.31
CA GLY A 26 -10.69 2.05 26.36
C GLY A 26 -9.92 3.07 25.56
N ILE A 27 -9.80 2.84 24.26
CA ILE A 27 -9.02 3.73 23.41
C ILE A 27 -9.58 5.15 23.39
N GLY A 28 -10.90 5.28 23.31
CA GLY A 28 -11.54 6.59 23.34
C GLY A 28 -11.19 7.38 24.59
N ARG A 29 -11.26 6.73 25.75
CA ARG A 29 -10.88 7.37 27.00
C ARG A 29 -9.40 7.81 26.99
N GLY A 30 -8.52 6.94 26.51
CA GLY A 30 -7.10 7.27 26.44
C GLY A 30 -6.87 8.53 25.60
N ILE A 31 -7.57 8.62 24.48
CA ILE A 31 -7.45 9.78 23.59
C ILE A 31 -8.01 11.04 24.25
N ALA A 32 -9.17 10.93 24.87
CA ALA A 32 -9.78 12.06 25.56
C ALA A 32 -8.85 12.61 26.64
N LEU A 33 -8.23 11.72 27.41
CA LEU A 33 -7.40 12.17 28.51
C LEU A 33 -6.09 12.78 28.01
N THR A 34 -5.59 12.31 26.87
CA THR A 34 -4.37 12.88 26.30
C THR A 34 -4.65 14.28 25.77
N LEU A 35 -5.76 14.43 25.05
CA LEU A 35 -6.15 15.74 24.53
C LEU A 35 -6.48 16.72 25.65
N ALA A 36 -7.14 16.23 26.71
CA ALA A 36 -7.43 17.06 27.87
C ALA A 36 -6.14 17.47 28.58
N GLY A 37 -5.20 16.53 28.70
CA GLY A 37 -3.92 16.83 29.29
C GLY A 37 -3.17 17.89 28.51
N ALA A 38 -3.41 17.95 27.20
CA ALA A 38 -2.73 18.89 26.33
C ALA A 38 -3.49 20.20 26.22
N GLY A 39 -4.58 20.32 26.98
CA GLY A 39 -5.26 21.59 27.11
C GLY A 39 -6.69 21.69 26.60
N ALA A 40 -7.18 20.63 25.96
CA ALA A 40 -8.50 20.70 25.35
C ALA A 40 -9.61 20.42 26.35
N ASN A 41 -10.71 21.17 26.22
CA ASN A 41 -11.95 20.81 26.89
C ASN A 41 -12.62 19.74 26.06
N ILE A 42 -13.31 18.81 26.71
CA ILE A 42 -13.76 17.61 26.04
C ILE A 42 -15.27 17.39 26.15
N LEU A 43 -15.90 17.11 25.01
CA LEU A 43 -17.24 16.55 25.04
C LEU A 43 -17.10 15.03 24.84
N LEU A 44 -17.47 14.27 25.85
CA LEU A 44 -17.43 12.80 25.80
C LEU A 44 -18.77 12.25 25.32
N ALA A 45 -18.73 11.47 24.24
CA ALA A 45 -19.95 10.87 23.69
C ALA A 45 -19.87 9.35 23.73
N ASP A 46 -20.83 8.73 24.40
CA ASP A 46 -20.83 7.28 24.55
C ASP A 46 -22.21 6.79 24.99
N LEU A 47 -22.31 5.49 25.26
CA LEU A 47 -23.58 4.90 25.68
C LEU A 47 -23.55 4.45 27.15
N LEU A 48 -22.40 4.59 27.79
CA LEU A 48 -22.23 4.09 29.15
C LEU A 48 -22.31 5.23 30.17
N ASP A 49 -23.42 5.32 30.88
CA ASP A 49 -23.66 6.44 31.80
C ASP A 49 -22.60 6.57 32.90
N ASP A 50 -22.38 5.49 33.65
CA ASP A 50 -21.45 5.54 34.78
C ASP A 50 -20.02 5.77 34.30
N ALA A 51 -19.66 5.12 33.20
CA ALA A 51 -18.33 5.29 32.64
C ALA A 51 -18.15 6.73 32.15
N LEU A 52 -19.20 7.29 31.56
CA LEU A 52 -19.18 8.68 31.10
C LEU A 52 -18.92 9.65 32.25
N ASP A 53 -19.64 9.46 33.35
CA ASP A 53 -19.46 10.31 34.51
C ASP A 53 -18.05 10.18 35.09
N ALA A 54 -17.54 8.95 35.15
CA ALA A 54 -16.22 8.71 35.73
C ALA A 54 -15.14 9.36 34.88
N THR A 55 -15.24 9.21 33.57
CA THR A 55 -14.23 9.77 32.68
C THR A 55 -14.33 11.30 32.66
N ALA A 56 -15.55 11.82 32.77
CA ALA A 56 -15.74 13.26 32.88
C ALA A 56 -15.04 13.80 34.12
N ARG A 57 -15.13 13.07 35.22
CA ARG A 57 -14.45 13.48 36.44
C ARG A 57 -12.94 13.48 36.23
N GLU A 58 -12.44 12.53 35.44
CA GLU A 58 -11.00 12.47 35.17
C GLU A 58 -10.54 13.65 34.32
N VAL A 59 -11.37 14.05 33.36
CA VAL A 59 -11.07 15.23 32.55
C VAL A 59 -11.04 16.48 33.43
N ARG A 60 -12.00 16.58 34.34
CA ARG A 60 -12.06 17.74 35.22
C ARG A 60 -10.88 17.75 36.18
N ALA A 61 -10.40 16.57 36.57
CA ALA A 61 -9.25 16.46 37.47
C ALA A 61 -7.97 16.94 36.81
N LEU A 62 -7.98 16.98 35.47
CA LEU A 62 -6.86 17.49 34.69
C LEU A 62 -6.95 19.00 34.54
N GLY A 63 -7.99 19.59 35.11
CA GLY A 63 -8.18 21.03 35.10
C GLY A 63 -9.01 21.53 33.93
N ARG A 64 -9.62 20.60 33.21
CA ARG A 64 -10.38 20.94 32.01
C ARG A 64 -11.88 20.92 32.26
N ARG A 65 -12.64 21.53 31.35
CA ARG A 65 -14.09 21.40 31.37
C ARG A 65 -14.48 20.16 30.59
N ALA A 66 -15.54 19.51 31.04
CA ALA A 66 -16.04 18.31 30.38
C ALA A 66 -17.56 18.39 30.21
N ALA A 67 -18.03 17.92 29.07
CA ALA A 67 -19.46 17.79 28.81
C ALA A 67 -19.72 16.34 28.44
N ILE A 68 -20.94 15.88 28.67
CA ILE A 68 -21.29 14.49 28.39
C ILE A 68 -22.50 14.42 27.47
N ALA A 69 -22.45 13.52 26.49
CA ALA A 69 -23.59 13.28 25.61
C ALA A 69 -23.84 11.78 25.47
N LYS A 70 -25.10 11.37 25.60
CA LYS A 70 -25.47 9.98 25.36
C LYS A 70 -25.75 9.80 23.88
N VAL A 71 -24.82 9.15 23.19
CA VAL A 71 -24.86 9.11 21.73
C VAL A 71 -24.70 7.71 21.14
N ASP A 72 -25.69 7.29 20.37
CA ASP A 72 -25.59 6.13 19.47
C ASP A 72 -25.13 6.69 18.12
N VAL A 73 -23.88 6.43 17.75
CA VAL A 73 -23.30 7.06 16.56
C VAL A 73 -23.95 6.61 15.23
N THR A 74 -24.81 5.59 15.27
CA THR A 74 -25.52 5.20 14.05
C THR A 74 -26.75 6.07 13.80
N GLN A 75 -27.08 6.92 14.78
CA GLN A 75 -28.27 7.76 14.70
C GLN A 75 -27.90 9.22 14.41
N ALA A 76 -28.18 9.67 13.20
CA ALA A 76 -27.75 11.01 12.74
C ALA A 76 -28.24 12.14 13.66
N ALA A 77 -29.46 12.05 14.17
CA ALA A 77 -30.01 13.10 15.01
C ALA A 77 -29.20 13.27 16.30
N GLN A 78 -28.73 12.16 16.85
CA GLN A 78 -27.94 12.20 18.08
C GLN A 78 -26.55 12.75 17.82
N VAL A 79 -25.99 12.35 16.70
CA VAL A 79 -24.66 12.79 16.28
C VAL A 79 -24.68 14.31 15.99
N ASP A 80 -25.72 14.77 15.30
CA ASP A 80 -25.88 16.21 15.05
C ASP A 80 -26.05 17.02 16.34
N ALA A 81 -26.85 16.50 17.27
CA ALA A 81 -27.08 17.17 18.55
C ALA A 81 -25.80 17.26 19.36
N MET A 82 -24.96 16.23 19.22
CA MET A 82 -23.66 16.17 19.90
C MET A 82 -22.79 17.35 19.49
N VAL A 83 -22.72 17.61 18.20
CA VAL A 83 -21.94 18.73 17.68
C VAL A 83 -22.54 20.06 18.16
N ALA A 84 -23.86 20.16 18.12
CA ALA A 84 -24.55 21.35 18.59
C ALA A 84 -24.28 21.57 20.08
N GLN A 85 -24.17 20.49 20.83
CA GLN A 85 -23.95 20.58 22.26
C GLN A 85 -22.55 21.09 22.57
N ALA A 86 -21.57 20.67 21.77
CA ALA A 86 -20.22 21.17 21.94
C ALA A 86 -20.18 22.69 21.74
N LEU A 87 -20.86 23.18 20.72
CA LEU A 87 -20.88 24.61 20.45
C LEU A 87 -21.59 25.36 21.59
N ALA A 88 -22.68 24.77 22.08
CA ALA A 88 -23.51 25.43 23.08
C ALA A 88 -22.94 25.34 24.49
N ASP A 89 -22.45 24.16 24.88
CA ASP A 89 -21.96 23.93 26.24
C ASP A 89 -20.51 24.36 26.44
N LEU A 90 -19.67 24.13 25.43
CA LEU A 90 -18.24 24.39 25.57
C LEU A 90 -17.76 25.57 24.71
N GLY A 91 -18.67 26.15 23.94
CA GLY A 91 -18.39 27.37 23.20
C GLY A 91 -17.63 27.22 21.89
N GLY A 92 -17.45 25.99 21.43
CA GLY A 92 -16.78 25.79 20.16
C GLY A 92 -16.49 24.34 19.84
N LEU A 93 -15.73 24.12 18.77
CA LEU A 93 -15.35 22.78 18.35
C LEU A 93 -14.15 22.87 17.44
N ASP A 94 -13.11 22.13 17.78
CA ASP A 94 -11.89 22.17 16.98
C ASP A 94 -11.47 20.79 16.53
N ILE A 95 -11.77 19.79 17.36
CA ILE A 95 -11.33 18.43 17.10
C ILE A 95 -12.48 17.43 17.25
N LEU A 96 -12.65 16.57 16.25
CA LEU A 96 -13.57 15.46 16.36
C LEU A 96 -12.82 14.13 16.26
N VAL A 97 -12.93 13.31 17.29
CA VAL A 97 -12.37 11.96 17.29
C VAL A 97 -13.52 10.94 17.22
N ASN A 98 -13.57 10.18 16.12
CA ASN A 98 -14.55 9.11 15.99
C ASN A 98 -13.94 7.80 16.47
N CYS A 99 -14.30 7.40 17.68
CA CYS A 99 -13.67 6.23 18.26
C CYS A 99 -14.70 5.21 18.76
N ALA A 100 -15.93 5.30 18.27
CA ALA A 100 -16.90 4.27 18.56
C ALA A 100 -16.59 3.09 17.67
N GLY A 101 -16.59 1.88 18.25
CA GLY A 101 -16.24 0.71 17.48
C GLY A 101 -16.70 -0.59 18.11
N VAL A 102 -17.07 -1.55 17.27
CA VAL A 102 -17.51 -2.86 17.75
C VAL A 102 -16.85 -3.97 16.93
N ILE A 103 -16.75 -5.16 17.51
CA ILE A 103 -16.09 -6.26 16.83
C ILE A 103 -16.79 -7.56 17.17
N SER A 104 -16.79 -8.50 16.23
CA SER A 104 -17.21 -9.86 16.53
C SER A 104 -16.38 -10.78 15.65
N ILE A 105 -16.27 -12.02 16.07
CA ILE A 105 -15.43 -12.99 15.39
C ILE A 105 -16.26 -14.14 14.84
N HIS A 106 -16.36 -14.21 13.52
CA HIS A 106 -17.06 -15.29 12.82
C HIS A 106 -16.45 -15.48 11.44
N PRO A 107 -16.26 -16.74 11.02
CA PRO A 107 -15.97 -16.99 9.61
C PRO A 107 -17.13 -16.49 8.76
N VAL A 108 -16.87 -16.13 7.52
CA VAL A 108 -17.89 -15.61 6.62
C VAL A 108 -19.07 -16.58 6.54
N ALA A 109 -18.75 -17.86 6.54
CA ALA A 109 -19.77 -18.91 6.45
C ALA A 109 -20.76 -18.83 7.61
N GLU A 110 -20.33 -18.21 8.71
CA GLU A 110 -21.17 -18.16 9.91
C GLU A 110 -21.66 -16.74 10.22
N LEU A 111 -21.29 -15.78 9.39
CA LEU A 111 -21.72 -14.40 9.57
C LEU A 111 -23.21 -14.23 9.24
N THR A 112 -23.96 -13.59 10.14
CA THR A 112 -25.33 -13.25 9.82
C THR A 112 -25.37 -11.86 9.23
N GLU A 113 -26.50 -11.49 8.63
CA GLU A 113 -26.66 -10.12 8.18
C GLU A 113 -26.58 -9.14 9.34
N ARG A 114 -27.10 -9.54 10.50
CA ARG A 114 -27.02 -8.70 11.70
C ARG A 114 -25.57 -8.44 12.07
N ASP A 115 -24.73 -9.48 12.00
CA ASP A 115 -23.31 -9.33 12.29
C ASP A 115 -22.65 -8.30 11.37
N TRP A 116 -22.97 -8.41 10.08
CA TRP A 116 -22.42 -7.51 9.07
C TRP A 116 -22.89 -6.06 9.30
N ASP A 117 -24.19 -5.89 9.42
CA ASP A 117 -24.76 -4.55 9.55
C ASP A 117 -24.30 -3.88 10.84
N PHE A 118 -24.20 -4.66 11.92
CA PHE A 118 -23.81 -4.09 13.21
C PHE A 118 -22.41 -3.46 13.12
N VAL A 119 -21.47 -4.22 12.61
CA VAL A 119 -20.11 -3.75 12.53
C VAL A 119 -19.99 -2.62 11.51
N MET A 120 -20.65 -2.78 10.37
CA MET A 120 -20.56 -1.74 9.33
C MET A 120 -21.24 -0.46 9.76
N ASN A 121 -22.41 -0.56 10.39
CA ASN A 121 -23.12 0.65 10.80
C ASN A 121 -22.40 1.41 11.90
N VAL A 122 -21.90 0.70 12.91
CA VAL A 122 -21.19 1.37 13.99
C VAL A 122 -19.84 1.90 13.54
N ASN A 123 -19.03 1.03 12.95
CA ASN A 123 -17.64 1.39 12.65
C ASN A 123 -17.50 2.33 11.48
N ALA A 124 -18.24 2.07 10.41
CA ALA A 124 -18.11 2.87 9.19
C ALA A 124 -19.20 3.94 9.08
N LYS A 125 -20.47 3.55 9.14
CA LYS A 125 -21.51 4.57 8.99
C LYS A 125 -21.45 5.59 10.15
N GLY A 126 -21.15 5.12 11.35
CA GLY A 126 -21.04 6.02 12.49
C GLY A 126 -19.95 7.07 12.31
N THR A 127 -18.87 6.68 11.67
CA THR A 127 -17.76 7.59 11.39
C THR A 127 -18.14 8.62 10.32
N PHE A 128 -18.82 8.16 9.28
CA PHE A 128 -19.40 9.05 8.28
C PHE A 128 -20.32 10.10 8.91
N LEU A 129 -21.22 9.68 9.79
CA LEU A 129 -22.17 10.58 10.41
C LEU A 129 -21.50 11.60 11.30
N GLY A 130 -20.49 11.16 12.03
CA GLY A 130 -19.75 12.05 12.91
C GLY A 130 -19.03 13.11 12.10
N CYS A 131 -18.31 12.68 11.07
CA CYS A 131 -17.58 13.59 10.21
C CYS A 131 -18.51 14.58 9.54
N ARG A 132 -19.61 14.07 9.01
CA ARG A 132 -20.55 14.93 8.30
C ARG A 132 -21.11 16.00 9.22
N ALA A 133 -21.40 15.61 10.46
CA ALA A 133 -22.01 16.52 11.42
C ALA A 133 -21.08 17.66 11.84
N ALA A 134 -19.77 17.40 11.82
CA ALA A 134 -18.82 18.39 12.31
C ALA A 134 -18.30 19.28 11.18
N LEU A 135 -18.57 18.87 9.95
CA LEU A 135 -17.95 19.47 8.77
C LEU A 135 -18.22 20.96 8.60
N ALA A 136 -19.49 21.36 8.66
CA ALA A 136 -19.88 22.75 8.37
C ALA A 136 -19.18 23.73 9.29
N HIS A 137 -19.14 23.41 10.57
CA HIS A 137 -18.52 24.29 11.55
C HIS A 137 -17.00 24.40 11.38
N LEU A 138 -16.34 23.25 11.18
CA LEU A 138 -14.89 23.24 11.05
C LEU A 138 -14.49 23.99 9.77
N LYS A 139 -15.23 23.75 8.69
CA LYS A 139 -14.98 24.39 7.41
CA LYS A 139 -14.95 24.39 7.42
C LYS A 139 -15.16 25.91 7.52
N ALA A 140 -16.24 26.32 8.18
CA ALA A 140 -16.54 27.75 8.30
C ALA A 140 -15.46 28.50 9.07
N GLN A 141 -14.89 27.86 10.09
CA GLN A 141 -13.89 28.58 10.87
C GLN A 141 -12.51 28.43 10.26
N GLY A 142 -12.40 27.61 9.20
CA GLY A 142 -11.16 27.51 8.45
C GLY A 142 -10.06 26.76 9.17
N ARG A 143 -10.41 26.02 10.22
CA ARG A 143 -9.44 25.25 10.97
C ARG A 143 -10.12 24.09 11.69
N GLY A 144 -9.50 22.92 11.68
CA GLY A 144 -10.11 21.79 12.34
C GLY A 144 -9.29 20.53 12.21
N ARG A 145 -9.61 19.58 13.08
CA ARG A 145 -8.96 18.28 13.06
C ARG A 145 -10.00 17.20 13.18
N ILE A 146 -10.07 16.32 12.18
CA ILE A 146 -10.92 15.13 12.27
C ILE A 146 -10.04 13.89 12.36
N ILE A 147 -10.28 13.08 13.38
CA ILE A 147 -9.45 11.93 13.66
C ILE A 147 -10.30 10.67 13.79
N ASN A 148 -10.17 9.77 12.83
CA ASN A 148 -10.95 8.54 12.85
C ASN A 148 -10.13 7.40 13.43
N VAL A 149 -10.75 6.53 14.20
CA VAL A 149 -9.98 5.40 14.72
C VAL A 149 -10.37 4.18 13.92
N ALA A 150 -9.47 3.74 13.05
CA ALA A 150 -9.73 2.53 12.27
C ALA A 150 -9.13 1.33 13.01
N SER A 151 -8.15 0.65 12.38
CA SER A 151 -7.52 -0.57 12.92
C SER A 151 -6.50 -1.08 11.91
N ILE A 152 -5.54 -1.90 12.36
CA ILE A 152 -4.68 -2.61 11.40
C ILE A 152 -5.52 -3.55 10.52
N ALA A 153 -6.71 -3.89 11.00
CA ALA A 153 -7.64 -4.69 10.22
C ALA A 153 -8.22 -3.86 9.07
N GLY A 154 -7.90 -2.57 9.04
CA GLY A 154 -8.22 -1.73 7.90
C GLY A 154 -7.10 -1.67 6.87
N LYS A 155 -6.01 -2.39 7.15
CA LYS A 155 -4.84 -2.47 6.27
C LYS A 155 -4.59 -3.88 5.76
N GLU A 156 -4.99 -4.87 6.54
CA GLU A 156 -4.86 -6.29 6.19
C GLU A 156 -6.21 -6.96 6.46
N GLY A 157 -6.63 -7.84 5.56
CA GLY A 157 -7.84 -8.61 5.84
C GLY A 157 -7.54 -9.66 6.89
N PHE A 158 -8.35 -9.70 7.93
CA PHE A 158 -8.22 -10.72 8.98
C PHE A 158 -9.25 -11.84 8.82
N PRO A 159 -8.78 -13.09 8.74
CA PRO A 159 -9.73 -14.22 8.68
C PRO A 159 -10.61 -14.30 9.93
N ASN A 160 -11.89 -14.67 9.76
CA ASN A 160 -12.90 -14.68 10.82
C ASN A 160 -13.26 -13.27 11.30
N LEU A 161 -12.72 -12.29 10.60
CA LEU A 161 -13.01 -10.88 10.82
C LEU A 161 -13.23 -10.14 9.51
N ALA A 162 -13.79 -10.82 8.51
CA ALA A 162 -13.94 -10.21 7.19
C ALA A 162 -14.87 -9.00 7.22
N HIS A 163 -15.93 -9.09 8.02
CA HIS A 163 -16.86 -7.98 8.16
C HIS A 163 -16.20 -6.82 8.92
N TYR A 164 -15.42 -7.15 9.94
CA TYR A 164 -14.70 -6.13 10.70
C TYR A 164 -13.66 -5.44 9.83
N SER A 165 -12.90 -6.23 9.07
CA SER A 165 -11.96 -5.65 8.10
C SER A 165 -12.70 -4.80 7.07
N ALA A 166 -13.80 -5.31 6.53
CA ALA A 166 -14.53 -4.52 5.54
C ALA A 166 -14.85 -3.12 6.12
N SER A 167 -15.32 -3.10 7.37
CA SER A 167 -15.72 -1.84 8.00
C SER A 167 -14.54 -0.92 8.28
N LYS A 168 -13.37 -1.48 8.60
CA LYS A 168 -12.23 -0.64 8.95
C LYS A 168 -11.47 -0.19 7.68
N PHE A 169 -11.42 -1.03 6.65
CA PHE A 169 -10.96 -0.60 5.34
C PHE A 169 -11.84 0.59 4.90
N ALA A 170 -13.14 0.46 5.09
CA ALA A 170 -14.07 1.54 4.74
C ALA A 170 -13.69 2.82 5.46
N VAL A 171 -13.33 2.72 6.73
CA VAL A 171 -12.93 3.94 7.46
C VAL A 171 -11.66 4.56 6.87
N VAL A 172 -10.69 3.70 6.53
CA VAL A 172 -9.43 4.19 5.96
C VAL A 172 -9.69 4.95 4.64
N GLY A 173 -10.49 4.36 3.77
CA GLY A 173 -10.78 4.97 2.50
C GLY A 173 -11.62 6.22 2.65
N PHE A 174 -12.60 6.18 3.55
CA PHE A 174 -13.44 7.35 3.80
C PHE A 174 -12.58 8.52 4.27
N THR A 175 -11.66 8.21 5.18
CA THR A 175 -10.74 9.20 5.75
C THR A 175 -9.94 9.90 4.65
N ASN A 176 -9.33 9.12 3.76
CA ASN A 176 -8.48 9.68 2.72
C ASN A 176 -9.30 10.55 1.76
N ALA A 177 -10.50 10.09 1.40
CA ALA A 177 -11.36 10.84 0.49
C ALA A 177 -11.81 12.19 1.08
N LEU A 178 -12.24 12.16 2.33
CA LEU A 178 -12.70 13.36 3.01
C LEU A 178 -11.56 14.33 3.22
N ALA A 179 -10.37 13.81 3.51
CA ALA A 179 -9.19 14.66 3.64
C ALA A 179 -9.01 15.49 2.38
N LYS A 180 -9.20 14.86 1.23
CA LYS A 180 -8.99 15.55 -0.04
C LYS A 180 -10.08 16.60 -0.29
N GLU A 181 -11.30 16.33 0.15
CA GLU A 181 -12.38 17.31 0.03
C GLU A 181 -12.11 18.59 0.84
N LEU A 182 -11.47 18.42 2.00
CA LEU A 182 -11.28 19.51 2.94
C LEU A 182 -9.85 20.08 2.93
N ALA A 183 -9.02 19.64 2.00
CA ALA A 183 -7.58 19.94 2.06
C ALA A 183 -7.27 21.43 1.95
N ARG A 184 -8.15 22.20 1.29
CA ARG A 184 -7.93 23.63 1.18
C ARG A 184 -8.82 24.45 2.11
N ASP A 185 -9.43 23.77 3.08
CA ASP A 185 -10.31 24.39 4.04
C ASP A 185 -9.69 24.54 5.43
N GLY A 186 -8.44 24.12 5.60
CA GLY A 186 -7.76 24.24 6.88
C GLY A 186 -8.13 23.13 7.85
N VAL A 187 -8.85 22.12 7.36
CA VAL A 187 -9.23 20.98 8.18
C VAL A 187 -8.46 19.75 7.73
N THR A 188 -7.77 19.08 8.66
CA THR A 188 -7.12 17.83 8.33
C THR A 188 -7.97 16.64 8.77
N VAL A 189 -7.83 15.53 8.05
CA VAL A 189 -8.59 14.32 8.30
C VAL A 189 -7.62 13.16 8.27
N ASN A 190 -7.47 12.46 9.40
CA ASN A 190 -6.51 11.36 9.52
C ASN A 190 -7.08 10.19 10.30
N ALA A 191 -6.44 9.03 10.18
CA ALA A 191 -6.90 7.87 10.92
C ALA A 191 -5.81 7.32 11.81
N ILE A 192 -6.23 6.87 12.97
CA ILE A 192 -5.39 6.10 13.88
C ILE A 192 -5.70 4.63 13.65
N CYS A 193 -4.67 3.81 13.41
CA CYS A 193 -4.86 2.38 13.22
C CYS A 193 -4.20 1.58 14.35
N PRO A 194 -4.96 1.31 15.42
CA PRO A 194 -4.40 0.54 16.53
C PRO A 194 -4.15 -0.91 16.15
N GLY A 195 -3.15 -1.54 16.76
CA GLY A 195 -2.89 -2.95 16.53
C GLY A 195 -3.75 -3.79 17.45
N ILE A 196 -3.14 -4.28 18.52
CA ILE A 196 -3.86 -5.04 19.54
C ILE A 196 -3.83 -4.27 20.85
N VAL A 197 -4.99 -3.84 21.34
CA VAL A 197 -5.06 -3.15 22.61
C VAL A 197 -5.89 -3.97 23.61
N ARG A 198 -5.22 -4.49 24.63
CA ARG A 198 -5.85 -5.47 25.53
C ARG A 198 -6.98 -4.85 26.34
N GLU A 217 -12.67 -13.60 22.33
CA GLU A 217 -12.02 -12.35 21.99
C GLU A 217 -10.66 -12.23 22.68
N GLN A 218 -10.59 -12.65 23.93
CA GLN A 218 -9.34 -12.59 24.69
C GLN A 218 -8.33 -13.60 24.12
N SER A 219 -8.81 -14.80 23.82
CA SER A 219 -7.99 -15.84 23.20
C SER A 219 -7.51 -15.39 21.82
N TRP A 220 -8.39 -14.74 21.06
CA TRP A 220 -8.02 -14.22 19.75
C TRP A 220 -6.90 -13.20 19.88
N GLN A 221 -7.05 -12.26 20.81
CA GLN A 221 -6.05 -11.24 21.06
C GLN A 221 -4.69 -11.86 21.39
N ARG A 222 -4.68 -12.84 22.30
CA ARG A 222 -3.44 -13.50 22.69
C ARG A 222 -2.78 -14.15 21.48
N HIS A 223 -3.60 -14.76 20.62
CA HIS A 223 -3.10 -15.38 19.40
C HIS A 223 -2.55 -14.35 18.42
N GLN A 224 -3.17 -13.16 18.38
CA GLN A 224 -2.72 -12.12 17.47
C GLN A 224 -1.36 -11.53 17.87
N LEU A 225 -1.01 -11.60 19.15
CA LEU A 225 0.27 -11.04 19.60
C LEU A 225 1.45 -11.76 18.95
N THR A 226 1.25 -13.02 18.54
CA THR A 226 2.25 -13.74 17.77
CA THR A 226 2.29 -13.72 17.80
C THR A 226 2.61 -12.98 16.48
N LEU A 227 1.65 -12.20 16.00
CA LEU A 227 1.82 -11.47 14.73
C LEU A 227 2.46 -10.10 14.91
N ILE A 228 2.66 -9.71 16.16
CA ILE A 228 3.29 -8.41 16.46
CA ILE A 228 3.29 -8.41 16.48
C ILE A 228 4.78 -8.61 16.72
N PRO A 229 5.62 -8.03 15.85
CA PRO A 229 7.07 -8.20 16.00
C PRO A 229 7.59 -7.84 17.40
N GLN A 230 7.07 -6.78 18.00
CA GLN A 230 7.50 -6.43 19.35
C GLN A 230 6.99 -7.39 20.42
N GLY A 231 5.96 -8.18 20.10
CA GLY A 231 5.50 -9.20 21.04
C GLY A 231 4.77 -8.66 22.27
N ARG A 232 4.22 -7.46 22.16
CA ARG A 232 3.46 -6.86 23.25
C ARG A 232 2.32 -6.04 22.66
N ALA A 233 1.27 -5.83 23.44
CA ALA A 233 0.14 -5.05 22.96
C ALA A 233 0.46 -3.56 23.00
N GLN A 234 -0.38 -2.77 22.34
CA GLN A 234 -0.29 -1.32 22.43
C GLN A 234 -1.37 -0.84 23.41
N THR A 235 -1.35 0.44 23.75
CA THR A 235 -2.20 0.96 24.83
C THR A 235 -3.11 2.11 24.38
N PRO A 236 -4.18 2.38 25.15
CA PRO A 236 -4.97 3.58 24.85
C PRO A 236 -4.11 4.84 24.87
N GLU A 237 -3.12 4.90 25.75
CA GLU A 237 -2.26 6.09 25.80
C GLU A 237 -1.46 6.25 24.49
N ASP A 238 -1.00 5.14 23.89
CA ASP A 238 -0.34 5.20 22.58
C ASP A 238 -1.23 5.90 21.54
N MET A 239 -2.50 5.54 21.52
CA MET A 239 -3.41 6.09 20.55
C MET A 239 -3.64 7.57 20.83
N GLY A 240 -3.71 7.92 22.11
CA GLY A 240 -3.86 9.29 22.51
C GLY A 240 -2.70 10.15 22.04
N ARG A 241 -1.50 9.59 22.09
CA ARG A 241 -0.33 10.27 21.57
C ARG A 241 -0.42 10.55 20.07
N LEU A 242 -0.91 9.57 19.30
CA LEU A 242 -1.05 9.81 17.86
C LEU A 242 -2.15 10.85 17.64
N ALA A 243 -3.23 10.78 18.41
CA ALA A 243 -4.30 11.78 18.24
C ALA A 243 -3.75 13.18 18.46
N LEU A 244 -2.89 13.34 19.46
CA LEU A 244 -2.31 14.64 19.79
C LEU A 244 -1.37 15.11 18.67
N PHE A 245 -0.66 14.17 18.07
CA PHE A 245 0.18 14.46 16.91
C PHE A 245 -0.68 15.02 15.76
N PHE A 246 -1.70 14.27 15.35
CA PHE A 246 -2.60 14.75 14.28
C PHE A 246 -3.18 16.12 14.64
N ALA A 247 -3.61 16.27 15.89
CA ALA A 247 -4.26 17.51 16.31
C ALA A 247 -3.34 18.72 16.24
N THR A 248 -2.04 18.49 16.17
CA THR A 248 -1.08 19.60 16.16
C THR A 248 -0.19 19.59 14.92
N MET A 249 -0.64 18.95 13.85
CA MET A 249 0.12 18.92 12.60
C MET A 249 -0.70 19.43 11.42
N ASP A 250 -0.52 20.70 11.08
CA ASP A 250 -1.26 21.36 9.99
C ASP A 250 -1.09 20.66 8.66
N ASN A 251 0.10 20.10 8.44
CA ASN A 251 0.44 19.66 7.09
C ASN A 251 0.40 18.14 6.90
N VAL A 252 -0.21 17.46 7.84
CA VAL A 252 -0.43 16.03 7.71
C VAL A 252 -1.92 15.83 7.52
N THR A 253 -2.32 15.24 6.39
CA THR A 253 -3.72 14.96 6.19
C THR A 253 -3.90 13.76 5.27
N GLY A 254 -5.01 13.06 5.43
CA GLY A 254 -5.31 11.90 4.60
C GLY A 254 -4.62 10.62 5.03
N GLN A 255 -3.85 10.68 6.12
CA GLN A 255 -3.00 9.55 6.52
C GLN A 255 -3.72 8.56 7.43
N ALA A 256 -3.24 7.32 7.41
CA ALA A 256 -3.77 6.28 8.31
C ALA A 256 -2.59 5.59 8.95
N VAL A 257 -2.24 6.02 10.16
CA VAL A 257 -0.95 5.65 10.75
C VAL A 257 -1.12 4.50 11.73
N ASN A 258 -0.28 3.49 11.57
CA ASN A 258 -0.38 2.29 12.38
C ASN A 258 0.42 2.41 13.66
N VAL A 259 -0.23 2.11 14.78
CA VAL A 259 0.43 2.03 16.08
C VAL A 259 0.26 0.59 16.51
N ASP A 260 1.23 -0.25 16.18
CA ASP A 260 0.96 -1.69 16.16
C ASP A 260 2.17 -2.58 16.41
N GLY A 261 3.25 -2.02 16.95
CA GLY A 261 4.43 -2.81 17.26
C GLY A 261 5.09 -3.50 16.06
N GLY A 262 4.76 -3.02 14.86
CA GLY A 262 5.38 -3.49 13.64
C GLY A 262 4.55 -4.45 12.80
N PHE A 263 3.31 -4.68 13.19
CA PHE A 263 2.49 -5.65 12.47
C PHE A 263 2.39 -5.37 10.97
N THR A 264 2.06 -4.13 10.63
CA THR A 264 1.96 -3.74 9.22
C THR A 264 2.48 -2.32 9.07
N PHE A 265 2.91 -1.95 7.86
CA PHE A 265 3.33 -0.57 7.64
C PHE A 265 2.60 0.03 6.44
N HIS A 266 1.59 -0.66 5.93
CA HIS A 266 0.86 -0.17 4.77
C HIS A 266 -0.27 0.75 5.21
N ALA B 11 -10.04 -24.13 -24.65
CA ALA B 11 -11.11 -23.76 -23.73
C ALA B 11 -10.74 -24.11 -22.28
N PRO B 12 -9.94 -23.24 -21.64
CA PRO B 12 -9.44 -23.49 -20.27
C PRO B 12 -10.56 -23.66 -19.23
N LEU B 13 -11.74 -23.12 -19.50
CA LEU B 13 -12.84 -23.20 -18.54
C LEU B 13 -13.90 -24.21 -18.97
N GLU B 14 -13.54 -25.11 -19.87
CA GLU B 14 -14.47 -26.12 -20.36
C GLU B 14 -15.08 -26.93 -19.23
N GLY B 15 -16.40 -27.04 -19.22
CA GLY B 15 -17.11 -27.81 -18.20
C GLY B 15 -17.44 -27.02 -16.94
N GLN B 16 -16.96 -25.78 -16.85
CA GLN B 16 -17.19 -24.98 -15.66
C GLN B 16 -18.43 -24.10 -15.77
N VAL B 17 -18.91 -23.65 -14.61
CA VAL B 17 -20.08 -22.78 -14.54
C VAL B 17 -19.69 -21.53 -13.76
N ALA B 18 -20.02 -20.36 -14.30
CA ALA B 18 -19.77 -19.09 -13.64
C ALA B 18 -21.08 -18.32 -13.41
N ILE B 19 -21.23 -17.76 -12.21
CA ILE B 19 -22.25 -16.76 -11.94
C ILE B 19 -21.63 -15.38 -12.09
N VAL B 20 -22.29 -14.49 -12.82
CA VAL B 20 -21.82 -13.10 -12.88
C VAL B 20 -22.94 -12.18 -12.47
N THR B 21 -22.85 -11.59 -11.28
CA THR B 21 -23.86 -10.62 -10.86
C THR B 21 -23.59 -9.29 -11.56
N GLY B 22 -24.64 -8.56 -11.90
CA GLY B 22 -24.48 -7.38 -12.73
C GLY B 22 -23.99 -7.76 -14.12
N GLY B 23 -24.28 -8.99 -14.54
CA GLY B 23 -23.73 -9.53 -15.76
C GLY B 23 -24.40 -9.11 -17.04
N ALA B 24 -25.48 -8.34 -16.95
CA ALA B 24 -26.25 -8.00 -18.14
C ALA B 24 -25.64 -6.86 -18.97
N ARG B 25 -24.83 -6.01 -18.34
CA ARG B 25 -24.28 -4.86 -19.04
C ARG B 25 -22.91 -4.44 -18.50
N GLY B 26 -22.26 -3.54 -19.21
CA GLY B 26 -21.01 -2.94 -18.77
C GLY B 26 -19.91 -3.93 -18.44
N ILE B 27 -19.23 -3.71 -17.32
CA ILE B 27 -18.12 -4.56 -16.92
C ILE B 27 -18.56 -6.00 -16.67
N GLY B 28 -19.70 -6.19 -16.01
CA GLY B 28 -20.23 -7.54 -15.77
C GLY B 28 -20.43 -8.33 -17.06
N ARG B 29 -21.03 -7.70 -18.06
CA ARG B 29 -21.20 -8.31 -19.37
C ARG B 29 -19.86 -8.69 -20.03
N GLY B 30 -18.89 -7.77 -19.98
CA GLY B 30 -17.58 -8.05 -20.52
C GLY B 30 -16.94 -9.28 -19.88
N ILE B 31 -17.06 -9.37 -18.56
CA ILE B 31 -16.52 -10.52 -17.85
C ILE B 31 -17.27 -11.81 -18.22
N ALA B 32 -18.59 -11.74 -18.30
CA ALA B 32 -19.39 -12.91 -18.69
C ALA B 32 -18.97 -13.45 -20.06
N LEU B 33 -18.77 -12.56 -21.02
CA LEU B 33 -18.46 -12.97 -22.39
C LEU B 33 -17.06 -13.52 -22.50
N THR B 34 -16.14 -13.00 -21.68
CA THR B 34 -14.78 -13.51 -21.69
C THR B 34 -14.74 -14.92 -21.11
N LEU B 35 -15.40 -15.11 -19.98
CA LEU B 35 -15.45 -16.43 -19.35
C LEU B 35 -16.19 -17.45 -20.23
N ALA B 36 -17.27 -17.01 -20.87
CA ALA B 36 -18.01 -17.85 -21.82
C ALA B 36 -17.15 -18.18 -23.03
N GLY B 37 -16.42 -17.19 -23.53
CA GLY B 37 -15.51 -17.41 -24.63
C GLY B 37 -14.44 -18.43 -24.29
N ALA B 38 -14.07 -18.49 -23.01
CA ALA B 38 -13.04 -19.39 -22.54
C ALA B 38 -13.59 -20.76 -22.15
N GLY B 39 -14.90 -20.95 -22.32
CA GLY B 39 -15.50 -22.26 -22.17
C GLY B 39 -16.55 -22.45 -21.08
N ALA B 40 -16.77 -21.44 -20.26
CA ALA B 40 -17.69 -21.57 -19.13
C ALA B 40 -19.15 -21.32 -19.53
N ASN B 41 -20.06 -22.10 -18.97
CA ASN B 41 -21.48 -21.78 -19.06
C ASN B 41 -21.79 -20.73 -18.01
N ILE B 42 -22.75 -19.85 -18.29
CA ILE B 42 -22.94 -18.66 -17.48
C ILE B 42 -24.34 -18.50 -16.89
N LEU B 43 -24.40 -18.22 -15.59
CA LEU B 43 -25.64 -17.70 -15.03
C LEU B 43 -25.47 -16.19 -14.88
N LEU B 44 -26.28 -15.45 -15.63
CA LEU B 44 -26.27 -13.99 -15.58
C LEU B 44 -27.28 -13.50 -14.54
N ALA B 45 -26.81 -12.71 -13.58
CA ALA B 45 -27.69 -12.20 -12.54
C ALA B 45 -27.73 -10.68 -12.58
N ASP B 46 -28.93 -10.13 -12.76
CA ASP B 46 -29.04 -8.69 -12.86
C ASP B 46 -30.49 -8.25 -12.64
N LEU B 47 -30.74 -6.96 -12.82
CA LEU B 47 -32.09 -6.41 -12.66
C LEU B 47 -32.68 -5.92 -13.98
N LEU B 48 -31.91 -6.00 -15.06
CA LEU B 48 -32.35 -5.47 -16.34
C LEU B 48 -32.89 -6.56 -17.25
N ASP B 49 -34.20 -6.59 -17.43
CA ASP B 49 -34.86 -7.69 -18.14
C ASP B 49 -34.36 -7.82 -19.59
N ASP B 50 -34.45 -6.75 -20.35
CA ASP B 50 -34.07 -6.82 -21.77
C ASP B 50 -32.59 -7.07 -21.95
N ALA B 51 -31.78 -6.44 -21.12
CA ALA B 51 -30.32 -6.62 -21.19
C ALA B 51 -29.92 -8.05 -20.87
N LEU B 52 -30.61 -8.65 -19.90
CA LEU B 52 -30.36 -10.03 -19.53
C LEU B 52 -30.60 -10.97 -20.71
N ASP B 53 -31.72 -10.77 -21.40
CA ASP B 53 -32.04 -11.58 -22.58
C ASP B 53 -31.00 -11.43 -23.69
N ALA B 54 -30.60 -10.18 -23.93
CA ALA B 54 -29.68 -9.87 -25.01
C ALA B 54 -28.31 -10.49 -24.76
N THR B 55 -27.84 -10.36 -23.51
CA THR B 55 -26.53 -10.86 -23.16
C THR B 55 -26.51 -12.39 -23.13
N ALA B 56 -27.62 -12.99 -22.70
CA ALA B 56 -27.78 -14.44 -22.74
C ALA B 56 -27.69 -14.98 -24.16
N ARG B 57 -28.29 -14.26 -25.10
CA ARG B 57 -28.21 -14.64 -26.50
C ARG B 57 -26.76 -14.56 -26.98
N GLU B 58 -26.00 -13.60 -26.45
CA GLU B 58 -24.60 -13.46 -26.82
C GLU B 58 -23.75 -14.60 -26.28
N VAL B 59 -24.05 -15.04 -25.07
CA VAL B 59 -23.37 -16.20 -24.48
C VAL B 59 -23.66 -17.47 -25.29
N ARG B 60 -24.92 -17.63 -25.70
CA ARG B 60 -25.30 -18.80 -26.47
C ARG B 60 -24.67 -18.76 -27.86
N ALA B 61 -24.46 -17.56 -28.39
CA ALA B 61 -23.84 -17.37 -29.68
C ALA B 61 -22.37 -17.83 -29.65
N LEU B 62 -21.80 -17.87 -28.45
CA LEU B 62 -20.44 -18.36 -28.26
C LEU B 62 -20.41 -19.88 -28.10
N GLY B 63 -21.57 -20.52 -28.18
CA GLY B 63 -21.65 -21.96 -28.10
C GLY B 63 -21.83 -22.46 -26.69
N ARG B 64 -22.10 -21.53 -25.78
CA ARG B 64 -22.25 -21.88 -24.37
C ARG B 64 -23.70 -21.90 -23.93
N ARG B 65 -23.96 -22.52 -22.79
CA ARG B 65 -25.28 -22.46 -22.18
C ARG B 65 -25.34 -21.23 -21.30
N ALA B 66 -26.52 -20.63 -21.21
CA ALA B 66 -26.72 -19.45 -20.39
C ALA B 66 -28.01 -19.57 -19.59
N ALA B 67 -27.98 -19.12 -18.35
CA ALA B 67 -29.18 -19.04 -17.53
C ALA B 67 -29.33 -17.60 -17.05
N ILE B 68 -30.55 -17.21 -16.75
CA ILE B 68 -30.81 -15.84 -16.32
C ILE B 68 -31.49 -15.82 -14.96
N ALA B 69 -31.05 -14.93 -14.08
CA ALA B 69 -31.70 -14.74 -12.80
C ALA B 69 -31.92 -13.24 -12.53
N LYS B 70 -33.13 -12.88 -12.13
CA LYS B 70 -33.41 -11.51 -11.73
C LYS B 70 -33.08 -11.35 -10.24
N VAL B 71 -31.96 -10.70 -9.97
CA VAL B 71 -31.42 -10.69 -8.62
C VAL B 71 -31.07 -9.29 -8.09
N ASP B 72 -31.66 -8.93 -6.95
CA ASP B 72 -31.20 -7.79 -6.16
C ASP B 72 -30.18 -8.32 -5.14
N VAL B 73 -28.90 -8.00 -5.35
CA VAL B 73 -27.86 -8.61 -4.51
C VAL B 73 -27.89 -8.17 -3.05
N THR B 74 -28.73 -7.19 -2.72
CA THR B 74 -28.86 -6.77 -1.33
C THR B 74 -29.80 -7.68 -0.54
N GLN B 75 -30.47 -8.58 -1.25
CA GLN B 75 -31.46 -9.49 -0.66
C GLN B 75 -30.94 -10.91 -0.57
N ALA B 76 -30.66 -11.36 0.65
CA ALA B 76 -30.04 -12.66 0.89
C ALA B 76 -30.78 -13.83 0.24
N ALA B 77 -32.11 -13.82 0.31
CA ALA B 77 -32.90 -14.92 -0.26
C ALA B 77 -32.72 -15.02 -1.76
N GLN B 78 -32.63 -13.88 -2.42
CA GLN B 78 -32.46 -13.88 -3.88
C GLN B 78 -31.08 -14.36 -4.25
N VAL B 79 -30.09 -13.95 -3.45
CA VAL B 79 -28.72 -14.37 -3.69
C VAL B 79 -28.59 -15.89 -3.46
N ASP B 80 -29.21 -16.41 -2.41
CA ASP B 80 -29.22 -17.85 -2.19
C ASP B 80 -29.89 -18.59 -3.36
N ALA B 81 -31.00 -18.07 -3.84
CA ALA B 81 -31.74 -18.69 -4.94
C ALA B 81 -30.91 -18.70 -6.22
N MET B 82 -30.14 -17.65 -6.40
CA MET B 82 -29.24 -17.51 -7.54
C MET B 82 -28.23 -18.65 -7.57
N VAL B 83 -27.58 -18.91 -6.43
CA VAL B 83 -26.61 -19.99 -6.34
C VAL B 83 -27.31 -21.34 -6.58
N ALA B 84 -28.49 -21.52 -6.00
CA ALA B 84 -29.25 -22.75 -6.20
C ALA B 84 -29.61 -22.95 -7.66
N GLN B 85 -29.87 -21.85 -8.37
CA GLN B 85 -30.28 -21.95 -9.78
C GLN B 85 -29.12 -22.38 -10.67
N ALA B 86 -27.91 -21.92 -10.36
CA ALA B 86 -26.74 -22.37 -11.10
C ALA B 86 -26.59 -23.88 -10.99
N LEU B 87 -26.77 -24.40 -9.78
CA LEU B 87 -26.63 -25.83 -9.54
C LEU B 87 -27.72 -26.62 -10.27
N ALA B 88 -28.94 -26.09 -10.27
CA ALA B 88 -30.08 -26.78 -10.84
C ALA B 88 -30.14 -26.67 -12.38
N ASP B 89 -29.91 -25.47 -12.91
CA ASP B 89 -30.04 -25.21 -14.34
C ASP B 89 -28.79 -25.58 -15.14
N LEU B 90 -27.62 -25.30 -14.58
CA LEU B 90 -26.37 -25.51 -15.31
C LEU B 90 -25.54 -26.66 -14.72
N GLY B 91 -26.03 -27.25 -13.63
CA GLY B 91 -25.45 -28.47 -13.10
C GLY B 91 -24.21 -28.32 -12.23
N GLY B 92 -23.89 -27.09 -11.84
CA GLY B 92 -22.73 -26.87 -11.00
C GLY B 92 -22.40 -25.40 -10.80
N LEU B 93 -21.24 -25.15 -10.18
CA LEU B 93 -20.76 -23.81 -9.93
C LEU B 93 -19.28 -23.87 -9.64
N ASP B 94 -18.50 -23.09 -10.38
CA ASP B 94 -17.06 -23.08 -10.19
C ASP B 94 -16.51 -21.69 -9.93
N ILE B 95 -17.19 -20.70 -10.50
CA ILE B 95 -16.75 -19.31 -10.45
C ILE B 95 -17.89 -18.38 -10.06
N LEU B 96 -17.65 -17.52 -9.06
CA LEU B 96 -18.59 -16.47 -8.72
C LEU B 96 -17.95 -15.12 -8.97
N VAL B 97 -18.54 -14.31 -9.84
CA VAL B 97 -18.10 -12.93 -10.07
C VAL B 97 -19.12 -11.95 -9.48
N ASN B 98 -18.70 -11.20 -8.48
CA ASN B 98 -19.57 -10.19 -7.91
C ASN B 98 -19.31 -8.84 -8.57
N CYS B 99 -20.16 -8.46 -9.51
CA CYS B 99 -19.93 -7.26 -10.29
C CYS B 99 -21.15 -6.34 -10.27
N ALA B 100 -22.01 -6.50 -9.26
CA ALA B 100 -23.08 -5.53 -9.07
C ALA B 100 -22.43 -4.31 -8.43
N GLY B 101 -22.76 -3.13 -8.93
CA GLY B 101 -22.14 -1.92 -8.41
C GLY B 101 -22.92 -0.68 -8.74
N VAL B 102 -22.93 0.28 -7.82
CA VAL B 102 -23.58 1.56 -8.03
C VAL B 102 -22.67 2.69 -7.56
N ILE B 103 -22.89 3.88 -8.12
CA ILE B 103 -22.04 5.02 -7.78
C ILE B 103 -22.91 6.27 -7.77
N SER B 104 -22.53 7.25 -6.96
CA SER B 104 -23.12 8.58 -7.04
C SER B 104 -22.05 9.57 -6.60
N ILE B 105 -22.19 10.82 -7.00
CA ILE B 105 -21.16 11.80 -6.69
C ILE B 105 -21.72 12.92 -5.81
N HIS B 106 -21.23 12.99 -4.59
CA HIS B 106 -21.60 14.04 -3.65
C HIS B 106 -20.47 14.29 -2.66
N PRO B 107 -20.18 15.56 -2.37
CA PRO B 107 -19.28 15.85 -1.24
C PRO B 107 -19.91 15.31 0.03
N VAL B 108 -19.08 14.98 1.02
CA VAL B 108 -19.58 14.45 2.29
C VAL B 108 -20.59 15.42 2.90
N ALA B 109 -20.33 16.71 2.73
CA ALA B 109 -21.23 17.73 3.28
C ALA B 109 -22.64 17.58 2.70
N GLU B 110 -22.77 16.98 1.53
CA GLU B 110 -24.07 16.85 0.89
C GLU B 110 -24.59 15.41 0.81
N LEU B 111 -23.80 14.46 1.30
CA LEU B 111 -24.22 13.05 1.30
C LEU B 111 -25.37 12.78 2.26
N THR B 112 -26.39 12.09 1.79
CA THR B 112 -27.48 11.64 2.65
C THR B 112 -27.21 10.24 3.17
N GLU B 113 -27.94 9.84 4.19
CA GLU B 113 -27.88 8.45 4.64
C GLU B 113 -28.33 7.50 3.56
N ARG B 114 -29.32 7.91 2.77
CA ARG B 114 -29.77 7.07 1.65
C ARG B 114 -28.61 6.86 0.68
N ASP B 115 -27.85 7.90 0.39
CA ASP B 115 -26.68 7.81 -0.51
C ASP B 115 -25.65 6.80 0.02
N TRP B 116 -25.34 6.94 1.30
CA TRP B 116 -24.36 6.09 1.95
C TRP B 116 -24.81 4.63 1.91
N ASP B 117 -26.04 4.40 2.37
CA ASP B 117 -26.53 3.05 2.51
C ASP B 117 -26.68 2.35 1.17
N PHE B 118 -27.11 3.09 0.15
CA PHE B 118 -27.31 2.51 -1.17
C PHE B 118 -25.99 1.93 -1.69
N VAL B 119 -24.95 2.76 -1.63
CA VAL B 119 -23.66 2.35 -2.13
C VAL B 119 -23.03 1.26 -1.26
N MET B 120 -23.14 1.39 0.06
CA MET B 120 -22.55 0.39 0.93
C MET B 120 -23.27 -0.96 0.83
N ASN B 121 -24.60 -0.93 0.78
CA ASN B 121 -25.37 -2.18 0.71
C ASN B 121 -25.22 -2.91 -0.62
N VAL B 122 -25.26 -2.20 -1.73
CA VAL B 122 -25.07 -2.84 -3.03
C VAL B 122 -23.63 -3.30 -3.24
N ASN B 123 -22.67 -2.39 -3.05
CA ASN B 123 -21.29 -2.69 -3.42
C ASN B 123 -20.57 -3.63 -2.46
N ALA B 124 -20.80 -3.43 -1.16
CA ALA B 124 -20.08 -4.20 -0.15
C ALA B 124 -20.93 -5.34 0.40
N LYS B 125 -22.11 -5.02 0.94
CA LYS B 125 -22.95 -6.07 1.52
C LYS B 125 -23.39 -7.08 0.44
N GLY B 126 -23.69 -6.59 -0.75
CA GLY B 126 -24.08 -7.48 -1.84
C GLY B 126 -22.95 -8.44 -2.16
N THR B 127 -21.71 -7.97 -2.04
CA THR B 127 -20.56 -8.84 -2.28
C THR B 127 -20.39 -9.86 -1.15
N PHE B 128 -20.55 -9.41 0.08
CA PHE B 128 -20.57 -10.31 1.22
C PHE B 128 -21.63 -11.41 1.03
N LEU B 129 -22.85 -11.01 0.65
CA LEU B 129 -23.93 -11.97 0.50
C LEU B 129 -23.69 -12.97 -0.63
N GLY B 130 -23.13 -12.48 -1.74
CA GLY B 130 -22.82 -13.33 -2.87
C GLY B 130 -21.78 -14.38 -2.49
N CYS B 131 -20.70 -13.91 -1.85
CA CYS B 131 -19.63 -14.80 -1.42
C CYS B 131 -20.15 -15.84 -0.42
N ARG B 132 -20.92 -15.38 0.56
CA ARG B 132 -21.42 -16.26 1.60
C ARG B 132 -22.30 -17.38 1.01
N ALA B 133 -23.11 -17.03 0.02
CA ALA B 133 -24.04 -18.00 -0.57
C ALA B 133 -23.31 -19.09 -1.35
N ALA B 134 -22.12 -18.78 -1.87
CA ALA B 134 -21.41 -19.73 -2.70
C ALA B 134 -20.42 -20.60 -1.93
N LEU B 135 -20.13 -20.22 -0.69
CA LEU B 135 -19.05 -20.86 0.07
C LEU B 135 -19.24 -22.35 0.27
N ALA B 136 -20.42 -22.75 0.74
CA ALA B 136 -20.66 -24.15 1.10
C ALA B 136 -20.37 -25.06 -0.06
N HIS B 137 -20.86 -24.69 -1.24
CA HIS B 137 -20.66 -25.50 -2.45
C HIS B 137 -19.22 -25.51 -2.94
N LEU B 138 -18.59 -24.34 -2.98
CA LEU B 138 -17.23 -24.26 -3.47
C LEU B 138 -16.29 -25.00 -2.53
N LYS B 139 -16.50 -24.83 -1.22
CA LYS B 139 -15.70 -25.53 -0.22
C LYS B 139 -15.85 -27.04 -0.30
N ALA B 140 -17.08 -27.51 -0.50
CA ALA B 140 -17.36 -28.93 -0.53
C ALA B 140 -16.65 -29.63 -1.70
N GLN B 141 -16.54 -28.94 -2.83
CA GLN B 141 -15.91 -29.56 -3.99
C GLN B 141 -14.39 -29.32 -4.03
N GLY B 142 -13.90 -28.50 -3.10
CA GLY B 142 -12.46 -28.32 -2.94
C GLY B 142 -11.80 -27.50 -4.04
N ARG B 143 -12.60 -26.78 -4.81
CA ARG B 143 -12.08 -25.95 -5.88
C ARG B 143 -13.07 -24.84 -6.22
N GLY B 144 -12.58 -23.65 -6.45
CA GLY B 144 -13.48 -22.58 -6.77
C GLY B 144 -12.75 -21.28 -6.97
N ARG B 145 -13.43 -20.34 -7.60
CA ARG B 145 -12.88 -19.01 -7.81
C ARG B 145 -13.92 -17.99 -7.42
N ILE B 146 -13.59 -17.13 -6.47
CA ILE B 146 -14.44 -15.99 -6.17
C ILE B 146 -13.75 -14.72 -6.66
N ILE B 147 -14.43 -13.93 -7.47
CA ILE B 147 -13.84 -12.75 -8.09
C ILE B 147 -14.74 -11.55 -7.83
N ASN B 148 -14.27 -10.62 -7.01
CA ASN B 148 -15.02 -9.43 -6.66
C ASN B 148 -14.58 -8.25 -7.49
N VAL B 149 -15.51 -7.42 -7.92
CA VAL B 149 -15.10 -6.26 -8.70
C VAL B 149 -15.14 -5.05 -7.79
N ALA B 150 -13.97 -4.55 -7.42
CA ALA B 150 -13.90 -3.35 -6.60
C ALA B 150 -13.73 -2.13 -7.51
N SER B 151 -12.62 -1.42 -7.37
CA SER B 151 -12.37 -0.16 -8.10
C SER B 151 -11.06 0.42 -7.63
N ILE B 152 -10.44 1.29 -8.44
CA ILE B 152 -9.31 2.06 -7.94
C ILE B 152 -9.73 2.96 -6.77
N ALA B 153 -11.02 3.25 -6.67
CA ALA B 153 -11.54 4.00 -5.53
C ALA B 153 -11.52 3.15 -4.26
N GLY B 154 -11.17 1.86 -4.43
CA GLY B 154 -10.92 1.03 -3.27
C GLY B 154 -9.45 1.04 -2.84
N LYS B 155 -8.62 1.79 -3.57
CA LYS B 155 -7.20 1.91 -3.26
C LYS B 155 -6.83 3.35 -2.89
N GLU B 156 -7.58 4.30 -3.43
CA GLU B 156 -7.36 5.70 -3.15
C GLU B 156 -8.69 6.33 -2.79
N GLY B 157 -8.71 7.19 -1.78
CA GLY B 157 -9.96 7.90 -1.50
C GLY B 157 -10.19 8.93 -2.59
N PHE B 158 -11.39 8.93 -3.17
CA PHE B 158 -11.78 9.94 -4.18
C PHE B 158 -12.67 11.01 -3.58
N PRO B 159 -12.27 12.29 -3.72
CA PRO B 159 -13.12 13.39 -3.24
C PRO B 159 -14.46 13.39 -3.97
N ASN B 160 -15.54 13.69 -3.23
CA ASN B 160 -16.92 13.64 -3.71
C ASN B 160 -17.41 12.23 -3.99
N LEU B 161 -16.59 11.24 -3.64
CA LEU B 161 -16.95 9.85 -3.72
C LEU B 161 -16.55 9.12 -2.45
N ALA B 162 -16.58 9.81 -1.31
CA ALA B 162 -16.08 9.22 -0.08
C ALA B 162 -16.85 7.95 0.31
N HIS B 163 -18.17 7.98 0.07
CA HIS B 163 -19.02 6.83 0.34
C HIS B 163 -18.72 5.69 -0.62
N TYR B 164 -18.53 6.03 -1.89
CA TYR B 164 -18.19 5.04 -2.89
C TYR B 164 -16.83 4.41 -2.59
N SER B 165 -15.84 5.24 -2.26
CA SER B 165 -14.54 4.74 -1.82
C SER B 165 -14.69 3.85 -0.59
N ALA B 166 -15.48 4.29 0.38
CA ALA B 166 -15.65 3.49 1.58
C ALA B 166 -16.13 2.08 1.19
N SER B 167 -17.10 2.03 0.29
CA SER B 167 -17.70 0.75 -0.10
C SER B 167 -16.70 -0.13 -0.86
N LYS B 168 -15.82 0.48 -1.65
CA LYS B 168 -14.89 -0.28 -2.47
C LYS B 168 -13.65 -0.67 -1.67
N PHE B 169 -13.21 0.20 -0.75
CA PHE B 169 -12.20 -0.19 0.22
C PHE B 169 -12.69 -1.42 1.00
N ALA B 170 -13.95 -1.38 1.39
CA ALA B 170 -14.56 -2.51 2.09
C ALA B 170 -14.46 -3.79 1.27
N VAL B 171 -14.71 -3.71 -0.03
CA VAL B 171 -14.66 -4.92 -0.86
C VAL B 171 -13.23 -5.48 -0.91
N VAL B 172 -12.24 -4.59 -1.03
CA VAL B 172 -10.84 -5.00 -1.06
C VAL B 172 -10.43 -5.73 0.23
N GLY B 173 -10.80 -5.18 1.37
CA GLY B 173 -10.48 -5.77 2.66
C GLY B 173 -11.21 -7.09 2.86
N PHE B 174 -12.48 -7.12 2.47
CA PHE B 174 -13.29 -8.33 2.60
C PHE B 174 -12.68 -9.47 1.77
N THR B 175 -12.28 -9.13 0.54
CA THR B 175 -11.66 -10.05 -0.40
C THR B 175 -10.41 -10.68 0.23
N ASN B 176 -9.53 -9.84 0.79
CA ASN B 176 -8.28 -10.35 1.35
C ASN B 176 -8.56 -11.25 2.56
N ALA B 177 -9.51 -10.83 3.39
CA ALA B 177 -9.82 -11.60 4.58
C ALA B 177 -10.42 -12.96 4.20
N LEU B 178 -11.38 -12.95 3.28
CA LEU B 178 -12.03 -14.20 2.87
C LEU B 178 -11.03 -15.13 2.17
N ALA B 179 -10.12 -14.55 1.39
CA ALA B 179 -9.08 -15.36 0.75
C ALA B 179 -8.32 -16.18 1.80
N LYS B 180 -8.01 -15.55 2.93
CA LYS B 180 -7.28 -16.22 4.01
C LYS B 180 -8.10 -17.30 4.69
N GLU B 181 -9.42 -17.12 4.80
CA GLU B 181 -10.29 -18.15 5.37
C GLU B 181 -10.32 -19.41 4.52
N LEU B 182 -10.25 -19.21 3.20
CA LEU B 182 -10.42 -20.28 2.23
C LEU B 182 -9.12 -20.79 1.60
N ALA B 183 -7.98 -20.31 2.08
CA ALA B 183 -6.71 -20.56 1.41
C ALA B 183 -6.32 -22.03 1.34
N ARG B 184 -6.80 -22.83 2.29
CA ARG B 184 -6.48 -24.25 2.31
C ARG B 184 -7.67 -25.08 1.83
N ASP B 185 -8.66 -24.40 1.26
CA ASP B 185 -9.88 -25.08 0.80
C ASP B 185 -9.95 -25.22 -0.72
N GLY B 186 -8.92 -24.77 -1.41
CA GLY B 186 -8.85 -24.89 -2.85
C GLY B 186 -9.63 -23.81 -3.55
N VAL B 187 -10.10 -22.83 -2.78
CA VAL B 187 -10.84 -21.70 -3.35
C VAL B 187 -10.00 -20.44 -3.27
N THR B 188 -9.82 -19.78 -4.41
CA THR B 188 -9.13 -18.49 -4.39
C THR B 188 -10.14 -17.34 -4.41
N VAL B 189 -9.74 -16.23 -3.81
CA VAL B 189 -10.59 -15.05 -3.70
C VAL B 189 -9.75 -13.83 -4.09
N ASN B 190 -10.16 -13.14 -5.15
CA ASN B 190 -9.42 -12.00 -5.66
C ASN B 190 -10.31 -10.85 -6.08
N ALA B 191 -9.70 -9.67 -6.25
CA ALA B 191 -10.48 -8.52 -6.68
C ALA B 191 -9.94 -7.93 -7.96
N ILE B 192 -10.86 -7.53 -8.80
CA ILE B 192 -10.56 -6.73 -9.98
C ILE B 192 -10.83 -5.27 -9.62
N CYS B 193 -9.86 -4.40 -9.85
CA CYS B 193 -10.03 -2.97 -9.57
C CYS B 193 -9.97 -2.15 -10.85
N PRO B 194 -11.13 -1.92 -11.49
CA PRO B 194 -11.16 -1.11 -12.72
C PRO B 194 -10.86 0.37 -12.46
N GLY B 195 -10.27 1.02 -13.44
CA GLY B 195 -9.98 2.43 -13.34
C GLY B 195 -11.20 3.22 -13.76
N ILE B 196 -11.16 3.75 -14.98
CA ILE B 196 -12.29 4.47 -15.56
C ILE B 196 -12.78 3.71 -16.77
N VAL B 197 -14.02 3.20 -16.72
CA VAL B 197 -14.58 2.47 -17.84
C VAL B 197 -15.82 3.15 -18.44
N ARG B 198 -15.70 3.64 -19.67
CA ARG B 198 -16.81 4.34 -20.30
C ARG B 198 -17.96 3.42 -20.69
N VAL B 216 -23.58 14.11 -15.22
CA VAL B 216 -22.71 14.35 -14.08
C VAL B 216 -21.58 13.34 -14.03
N GLU B 217 -21.95 12.07 -14.14
CA GLU B 217 -20.98 10.96 -14.12
C GLU B 217 -20.01 11.06 -15.29
N GLN B 218 -20.52 11.47 -16.46
CA GLN B 218 -19.71 11.58 -17.66
C GLN B 218 -18.67 12.70 -17.53
N SER B 219 -19.10 13.85 -17.00
CA SER B 219 -18.18 14.96 -16.77
C SER B 219 -17.09 14.58 -15.78
N TRP B 220 -17.49 13.85 -14.74
CA TRP B 220 -16.54 13.35 -13.76
C TRP B 220 -15.53 12.41 -14.41
N GLN B 221 -16.02 11.48 -15.21
CA GLN B 221 -15.15 10.54 -15.92
C GLN B 221 -14.13 11.29 -16.77
N ARG B 222 -14.58 12.28 -17.53
CA ARG B 222 -13.68 13.06 -18.38
C ARG B 222 -12.56 13.70 -17.56
N HIS B 223 -12.90 14.23 -16.39
CA HIS B 223 -11.90 14.81 -15.51
C HIS B 223 -10.94 13.77 -14.94
N GLN B 224 -11.46 12.57 -14.64
CA GLN B 224 -10.62 11.54 -14.06
C GLN B 224 -9.59 11.05 -15.05
N LEU B 225 -9.88 11.14 -16.35
CA LEU B 225 -8.93 10.68 -17.36
C LEU B 225 -7.64 11.48 -17.28
N THR B 226 -7.72 12.72 -16.82
CA THR B 226 -6.54 13.54 -16.58
CA THR B 226 -6.51 13.52 -16.63
C THR B 226 -5.57 12.84 -15.62
N LEU B 227 -6.12 11.99 -14.76
CA LEU B 227 -5.35 11.28 -13.74
C LEU B 227 -4.80 9.92 -14.20
N ILE B 228 -5.20 9.50 -15.38
CA ILE B 228 -4.73 8.24 -15.95
CA ILE B 228 -4.75 8.24 -15.96
C ILE B 228 -3.53 8.50 -16.85
N PRO B 229 -2.36 7.97 -16.46
CA PRO B 229 -1.14 8.21 -17.22
C PRO B 229 -1.29 7.88 -18.71
N GLN B 230 -1.96 6.80 -19.04
CA GLN B 230 -2.16 6.44 -20.45
C GLN B 230 -3.15 7.36 -21.17
N GLY B 231 -3.97 8.08 -20.40
CA GLY B 231 -4.85 9.07 -20.99
C GLY B 231 -6.02 8.49 -21.76
N ARG B 232 -6.38 7.26 -21.43
CA ARG B 232 -7.53 6.62 -22.06
C ARG B 232 -8.23 5.74 -21.06
N ALA B 233 -9.50 5.48 -21.30
CA ALA B 233 -10.26 4.63 -20.39
C ALA B 233 -9.90 3.18 -20.62
N GLN B 234 -10.32 2.33 -19.68
CA GLN B 234 -10.19 0.88 -19.82
C GLN B 234 -11.56 0.33 -20.23
N THR B 235 -11.62 -0.95 -20.59
CA THR B 235 -12.82 -1.52 -21.17
C THR B 235 -13.37 -2.71 -20.39
N PRO B 236 -14.65 -3.06 -20.60
CA PRO B 236 -15.15 -4.30 -19.99
C PRO B 236 -14.31 -5.51 -20.37
N GLU B 237 -13.80 -5.56 -21.60
CA GLU B 237 -12.98 -6.67 -22.05
CA GLU B 237 -12.99 -6.68 -22.05
C GLU B 237 -11.70 -6.79 -21.22
N ASP B 238 -11.10 -5.66 -20.89
CA ASP B 238 -9.91 -5.66 -20.02
C ASP B 238 -10.20 -6.37 -18.71
N MET B 239 -11.37 -6.07 -18.14
CA MET B 239 -11.76 -6.65 -16.86
C MET B 239 -12.04 -8.15 -17.04
N GLY B 240 -12.63 -8.51 -18.16
CA GLY B 240 -12.86 -9.93 -18.45
C GLY B 240 -11.54 -10.69 -18.54
N ARG B 241 -10.53 -10.07 -19.14
CA ARG B 241 -9.21 -10.70 -19.21
C ARG B 241 -8.64 -10.96 -17.82
N LEU B 242 -8.79 -10.01 -16.90
CA LEU B 242 -8.25 -10.22 -15.56
C LEU B 242 -9.06 -11.32 -14.88
N ALA B 243 -10.38 -11.30 -15.08
CA ALA B 243 -11.22 -12.34 -14.51
C ALA B 243 -10.75 -13.72 -14.97
N LEU B 244 -10.43 -13.82 -16.25
CA LEU B 244 -10.00 -15.12 -16.81
C LEU B 244 -8.66 -15.54 -16.18
N PHE B 245 -7.81 -14.55 -15.95
CA PHE B 245 -6.54 -14.80 -15.27
C PHE B 245 -6.74 -15.40 -13.88
N PHE B 246 -7.53 -14.73 -13.04
CA PHE B 246 -7.82 -15.23 -11.70
C PHE B 246 -8.45 -16.64 -11.79
N ALA B 247 -9.36 -16.81 -12.73
CA ALA B 247 -10.08 -18.07 -12.87
C ALA B 247 -9.17 -19.24 -13.26
N THR B 248 -7.97 -18.93 -13.76
CA THR B 248 -7.03 -19.95 -14.20
C THR B 248 -5.67 -19.89 -13.47
N MET B 249 -5.64 -19.28 -12.29
CA MET B 249 -4.40 -19.19 -11.52
C MET B 249 -4.59 -19.73 -10.10
N ASP B 250 -4.22 -20.99 -9.90
CA ASP B 250 -4.37 -21.68 -8.60
C ASP B 250 -3.66 -20.96 -7.46
N ASN B 251 -2.53 -20.34 -7.76
CA ASN B 251 -1.64 -19.87 -6.71
C ASN B 251 -1.70 -18.36 -6.49
N VAL B 252 -2.74 -17.73 -7.05
CA VAL B 252 -2.98 -16.32 -6.83
C VAL B 252 -4.24 -16.20 -5.99
N THR B 253 -4.11 -15.62 -4.79
CA THR B 253 -5.30 -15.41 -3.98
C THR B 253 -5.08 -14.21 -3.07
N GLY B 254 -6.17 -13.54 -2.72
CA GLY B 254 -6.11 -12.40 -1.83
C GLY B 254 -5.76 -11.08 -2.48
N GLN B 255 -5.54 -11.11 -3.79
CA GLN B 255 -5.03 -9.95 -4.51
C GLN B 255 -6.15 -9.03 -4.99
N ALA B 256 -5.79 -7.76 -5.19
CA ALA B 256 -6.71 -6.79 -5.77
C ALA B 256 -5.95 -6.06 -6.86
N VAL B 257 -6.14 -6.50 -8.09
CA VAL B 257 -5.29 -6.03 -9.19
C VAL B 257 -5.96 -4.92 -9.98
N ASN B 258 -5.21 -3.83 -10.17
CA ASN B 258 -5.73 -2.62 -10.82
C ASN B 258 -5.55 -2.70 -12.34
N VAL B 259 -6.64 -2.43 -13.05
CA VAL B 259 -6.64 -2.33 -14.50
C VAL B 259 -7.03 -0.88 -14.80
N ASP B 260 -6.02 -0.03 -14.92
CA ASP B 260 -6.30 1.40 -14.76
C ASP B 260 -5.36 2.36 -15.48
N GLY B 261 -4.60 1.86 -16.45
CA GLY B 261 -3.73 2.73 -17.22
C GLY B 261 -2.69 3.44 -16.39
N GLY B 262 -2.42 2.91 -15.19
CA GLY B 262 -1.34 3.41 -14.37
C GLY B 262 -1.73 4.36 -13.25
N PHE B 263 -3.03 4.55 -13.05
CA PHE B 263 -3.50 5.49 -12.03
C PHE B 263 -2.94 5.20 -10.64
N THR B 264 -3.00 3.94 -10.22
CA THR B 264 -2.44 3.55 -8.93
C THR B 264 -1.81 2.16 -9.04
N PHE B 265 -0.85 1.85 -8.16
CA PHE B 265 -0.29 0.50 -8.17
C PHE B 265 -0.38 -0.14 -6.78
N HIS B 266 -1.12 0.49 -5.89
CA HIS B 266 -1.28 -0.03 -4.53
C HIS B 266 -2.45 -0.99 -4.44
N ALA C 11 -1.90 -18.36 -30.30
CA ALA C 11 -0.57 -17.78 -30.23
C ALA C 11 -0.63 -16.26 -30.21
N PRO C 12 -0.94 -15.68 -29.04
CA PRO C 12 -1.09 -14.22 -28.89
C PRO C 12 0.18 -13.44 -29.22
N LEU C 13 1.35 -14.06 -29.07
CA LEU C 13 2.60 -13.35 -29.25
C LEU C 13 3.31 -13.71 -30.55
N GLU C 14 2.56 -14.28 -31.48
CA GLU C 14 3.09 -14.69 -32.79
C GLU C 14 3.76 -13.50 -33.46
N GLY C 15 4.99 -13.71 -33.91
CA GLY C 15 5.73 -12.66 -34.60
C GLY C 15 6.51 -11.73 -33.69
N GLN C 16 6.35 -11.91 -32.38
CA GLN C 16 7.03 -11.04 -31.42
C GLN C 16 8.34 -11.64 -30.93
N VAL C 17 9.17 -10.80 -30.37
CA VAL C 17 10.46 -11.20 -29.81
C VAL C 17 10.58 -10.77 -28.35
N ALA C 18 10.98 -11.70 -27.48
CA ALA C 18 11.21 -11.38 -26.08
C ALA C 18 12.66 -11.65 -25.69
N ILE C 19 13.24 -10.73 -24.92
CA ILE C 19 14.49 -10.96 -24.20
C ILE C 19 14.15 -11.33 -22.76
N VAL C 20 14.75 -12.41 -22.24
CA VAL C 20 14.59 -12.75 -20.82
C VAL C 20 15.97 -12.89 -20.18
N THR C 21 16.31 -11.92 -19.33
CA THR C 21 17.56 -11.99 -18.57
C THR C 21 17.34 -12.96 -17.41
N GLY C 22 18.39 -13.68 -17.02
CA GLY C 22 18.24 -14.78 -16.07
C GLY C 22 17.38 -15.90 -16.64
N GLY C 23 17.32 -15.97 -17.96
CA GLY C 23 16.38 -16.86 -18.61
C GLY C 23 16.80 -18.31 -18.68
N ALA C 24 18.00 -18.63 -18.20
CA ALA C 24 18.50 -19.99 -18.41
C ALA C 24 17.94 -20.98 -17.39
N ARG C 25 17.49 -20.48 -16.23
CA ARG C 25 17.03 -21.38 -15.18
C ARG C 25 15.94 -20.74 -14.33
N GLY C 26 15.33 -21.53 -13.45
CA GLY C 26 14.39 -21.00 -12.46
C GLY C 26 13.23 -20.21 -13.03
N ILE C 27 12.93 -19.08 -12.38
CA ILE C 27 11.80 -18.25 -12.82
C ILE C 27 11.97 -17.72 -14.25
N GLY C 28 13.17 -17.26 -14.60
CA GLY C 28 13.44 -16.79 -15.95
C GLY C 28 13.15 -17.82 -17.03
N ARG C 29 13.59 -19.05 -16.80
CA ARG C 29 13.28 -20.14 -17.72
C ARG C 29 11.77 -20.36 -17.84
N GLY C 30 11.07 -20.36 -16.71
CA GLY C 30 9.64 -20.53 -16.71
C GLY C 30 8.93 -19.47 -17.55
N ILE C 31 9.37 -18.23 -17.39
CA ILE C 31 8.80 -17.11 -18.15
C ILE C 31 9.14 -17.25 -19.63
N ALA C 32 10.39 -17.58 -19.92
CA ALA C 32 10.82 -17.75 -21.31
C ALA C 32 9.99 -18.80 -22.03
N LEU C 33 9.76 -19.93 -21.38
CA LEU C 33 9.06 -21.04 -22.02
C LEU C 33 7.56 -20.74 -22.16
N THR C 34 7.03 -19.95 -21.24
CA THR C 34 5.62 -19.58 -21.34
C THR C 34 5.41 -18.63 -22.51
N LEU C 35 6.29 -17.63 -22.60
CA LEU C 35 6.20 -16.68 -23.69
C LEU C 35 6.45 -17.37 -25.05
N ALA C 36 7.39 -18.32 -25.09
CA ALA C 36 7.65 -19.10 -26.32
C ALA C 36 6.44 -19.95 -26.71
N GLY C 37 5.81 -20.56 -25.71
CA GLY C 37 4.62 -21.34 -25.96
C GLY C 37 3.50 -20.48 -26.53
N ALA C 38 3.55 -19.19 -26.20
CA ALA C 38 2.51 -18.26 -26.64
C ALA C 38 2.87 -17.62 -27.99
N GLY C 39 4.00 -18.03 -28.57
CA GLY C 39 4.32 -17.63 -29.93
C GLY C 39 5.55 -16.77 -30.11
N ALA C 40 6.16 -16.34 -29.01
CA ALA C 40 7.29 -15.43 -29.11
C ALA C 40 8.62 -16.16 -29.33
N ASN C 41 9.46 -15.57 -30.16
CA ASN C 41 10.84 -16.01 -30.28
C ASN C 41 11.62 -15.37 -29.14
N ILE C 42 12.62 -16.08 -28.65
CA ILE C 42 13.27 -15.68 -27.39
C ILE C 42 14.77 -15.45 -27.49
N LEU C 43 15.25 -14.32 -26.97
CA LEU C 43 16.68 -14.19 -26.69
C LEU C 43 16.87 -14.45 -25.21
N LEU C 44 17.62 -15.52 -24.91
CA LEU C 44 17.94 -15.89 -23.53
C LEU C 44 19.27 -15.26 -23.11
N ALA C 45 19.26 -14.49 -22.02
CA ALA C 45 20.47 -13.84 -21.53
C ALA C 45 20.79 -14.31 -20.12
N ASP C 46 21.99 -14.86 -19.92
CA ASP C 46 22.35 -15.36 -18.59
C ASP C 46 23.86 -15.53 -18.54
N LEU C 47 24.34 -16.10 -17.44
CA LEU C 47 25.77 -16.32 -17.26
C LEU C 47 26.13 -17.80 -17.28
N LEU C 48 25.13 -18.67 -17.41
CA LEU C 48 25.34 -20.12 -17.36
C LEU C 48 25.30 -20.72 -18.77
N ASP C 49 26.46 -21.09 -19.29
CA ASP C 49 26.59 -21.53 -20.67
C ASP C 49 25.76 -22.78 -21.00
N ASP C 50 25.95 -23.86 -20.24
CA ASP C 50 25.22 -25.10 -20.53
C ASP C 50 23.71 -24.95 -20.33
N ALA C 51 23.33 -24.22 -19.30
CA ALA C 51 21.93 -23.95 -19.01
C ALA C 51 21.28 -23.10 -20.12
N LEU C 52 22.05 -22.15 -20.65
CA LEU C 52 21.55 -21.35 -21.77
C LEU C 52 21.24 -22.23 -22.97
N ASP C 53 22.18 -23.15 -23.26
CA ASP C 53 22.03 -24.09 -24.37
C ASP C 53 20.81 -24.99 -24.18
N ALA C 54 20.63 -25.48 -22.95
CA ALA C 54 19.54 -26.42 -22.68
C ALA C 54 18.18 -25.75 -22.83
N THR C 55 18.07 -24.55 -22.29
CA THR C 55 16.81 -23.83 -22.35
C THR C 55 16.53 -23.35 -23.78
N ALA C 56 17.58 -23.02 -24.52
CA ALA C 56 17.41 -22.69 -25.93
C ALA C 56 16.80 -23.90 -26.68
N ARG C 57 17.26 -25.10 -26.37
CA ARG C 57 16.71 -26.29 -27.03
C ARG C 57 15.24 -26.45 -26.71
N GLU C 58 14.86 -26.11 -25.48
CA GLU C 58 13.46 -26.21 -25.07
C GLU C 58 12.58 -25.19 -25.80
N VAL C 59 13.11 -24.00 -26.01
CA VAL C 59 12.39 -22.98 -26.77
C VAL C 59 12.18 -23.47 -28.23
N ARG C 60 13.22 -24.04 -28.82
CA ARG C 60 13.12 -24.52 -30.20
C ARG C 60 12.19 -25.72 -30.30
N ALA C 61 12.13 -26.51 -29.24
CA ALA C 61 11.24 -27.68 -29.23
C ALA C 61 9.78 -27.24 -29.25
N LEU C 62 9.53 -26.01 -28.83
CA LEU C 62 8.18 -25.42 -28.86
C LEU C 62 7.86 -24.82 -30.23
N GLY C 63 8.82 -24.90 -31.15
CA GLY C 63 8.63 -24.41 -32.51
C GLY C 63 9.08 -22.97 -32.71
N ARG C 64 9.77 -22.43 -31.72
CA ARG C 64 10.20 -21.04 -31.77
C ARG C 64 11.68 -20.95 -32.12
N ARG C 65 12.11 -19.76 -32.51
CA ARG C 65 13.53 -19.49 -32.66
C ARG C 65 14.09 -19.00 -31.33
N ALA C 66 15.35 -19.33 -31.07
CA ALA C 66 16.01 -18.94 -29.85
C ALA C 66 17.40 -18.41 -30.15
N ALA C 67 17.78 -17.37 -29.43
CA ALA C 67 19.14 -16.85 -29.46
C ALA C 67 19.66 -16.81 -28.04
N ILE C 68 20.97 -16.87 -27.87
CA ILE C 68 21.54 -16.81 -26.53
C ILE C 68 22.60 -15.72 -26.44
N ALA C 69 22.63 -15.06 -25.29
CA ALA C 69 23.64 -14.06 -24.99
C ALA C 69 24.22 -14.30 -23.59
N LYS C 70 25.54 -14.25 -23.46
CA LYS C 70 26.16 -14.33 -22.16
C LYS C 70 26.26 -12.91 -21.60
N VAL C 71 25.40 -12.60 -20.64
CA VAL C 71 25.22 -11.22 -20.19
C VAL C 71 25.31 -11.10 -18.68
N ASP C 72 26.22 -10.26 -18.22
CA ASP C 72 26.28 -9.76 -16.85
C ASP C 72 25.47 -8.48 -16.82
N VAL C 73 24.28 -8.51 -16.22
CA VAL C 73 23.36 -7.38 -16.30
C VAL C 73 23.87 -6.14 -15.55
N THR C 74 24.95 -6.26 -14.79
CA THR C 74 25.54 -5.08 -14.16
C THR C 74 26.44 -4.31 -15.12
N GLN C 75 26.68 -4.89 -16.30
CA GLN C 75 27.60 -4.28 -17.27
C GLN C 75 26.84 -3.67 -18.43
N ALA C 76 26.79 -2.34 -18.48
CA ALA C 76 25.95 -1.64 -19.45
C ALA C 76 26.27 -2.03 -20.89
N ALA C 77 27.54 -2.20 -21.23
CA ALA C 77 27.95 -2.55 -22.60
C ALA C 77 27.38 -3.90 -23.00
N GLN C 78 27.35 -4.84 -22.07
CA GLN C 78 26.83 -6.17 -22.35
C GLN C 78 25.32 -6.14 -22.52
N VAL C 79 24.66 -5.31 -21.71
CA VAL C 79 23.22 -5.15 -21.79
C VAL C 79 22.82 -4.48 -23.11
N ASP C 80 23.58 -3.47 -23.52
CA ASP C 80 23.33 -2.85 -24.83
C ASP C 80 23.52 -3.87 -25.95
N ALA C 81 24.57 -4.67 -25.86
CA ALA C 81 24.87 -5.65 -26.92
C ALA C 81 23.77 -6.69 -27.00
N MET C 82 23.20 -6.99 -25.84
CA MET C 82 22.08 -7.92 -25.74
C MET C 82 20.88 -7.43 -26.54
N VAL C 83 20.53 -6.15 -26.38
CA VAL C 83 19.41 -5.58 -27.12
C VAL C 83 19.73 -5.57 -28.60
N ALA C 84 20.97 -5.21 -28.94
CA ALA C 84 21.38 -5.17 -30.33
C ALA C 84 21.28 -6.56 -30.96
N GLN C 85 21.57 -7.60 -30.17
CA GLN C 85 21.55 -8.97 -30.68
C GLN C 85 20.13 -9.47 -30.97
N ALA C 86 19.17 -9.09 -30.12
CA ALA C 86 17.78 -9.44 -30.41
C ALA C 86 17.36 -8.83 -31.72
N LEU C 87 17.74 -7.56 -31.95
CA LEU C 87 17.36 -6.91 -33.19
C LEU C 87 18.05 -7.56 -34.40
N ALA C 88 19.32 -7.92 -34.24
CA ALA C 88 20.08 -8.47 -35.36
C ALA C 88 19.75 -9.95 -35.63
N ASP C 89 19.68 -10.75 -34.57
CA ASP C 89 19.51 -12.19 -34.71
C ASP C 89 18.07 -12.62 -34.92
N LEU C 90 17.14 -11.97 -34.23
CA LEU C 90 15.74 -12.37 -34.27
C LEU C 90 14.86 -11.34 -34.99
N GLY C 91 15.46 -10.23 -35.41
CA GLY C 91 14.77 -9.27 -36.25
C GLY C 91 13.85 -8.29 -35.54
N GLY C 92 13.91 -8.25 -34.21
CA GLY C 92 13.10 -7.30 -33.49
C GLY C 92 13.15 -7.46 -31.98
N LEU C 93 12.27 -6.73 -31.31
CA LEU C 93 12.16 -6.78 -29.85
C LEU C 93 10.81 -6.20 -29.45
N ASP C 94 10.05 -6.94 -28.68
CA ASP C 94 8.73 -6.48 -28.24
C ASP C 94 8.58 -6.50 -26.72
N ILE C 95 9.27 -7.44 -26.10
CA ILE C 95 9.13 -7.71 -24.66
C ILE C 95 10.50 -7.82 -24.04
N LEU C 96 10.72 -7.08 -22.96
CA LEU C 96 11.93 -7.25 -22.15
C LEU C 96 11.52 -7.73 -20.77
N VAL C 97 12.03 -8.89 -20.38
CA VAL C 97 11.83 -9.44 -19.03
C VAL C 97 13.15 -9.36 -18.28
N ASN C 98 13.18 -8.56 -17.22
CA ASN C 98 14.35 -8.47 -16.36
C ASN C 98 14.18 -9.45 -15.19
N CYS C 99 14.82 -10.60 -15.28
CA CYS C 99 14.64 -11.65 -14.29
C CYS C 99 15.97 -12.14 -13.73
N ALA C 100 17.02 -11.35 -13.88
CA ALA C 100 18.28 -11.69 -13.21
C ALA C 100 18.14 -11.27 -11.74
N GLY C 101 18.55 -12.14 -10.83
CA GLY C 101 18.40 -11.83 -9.42
C GLY C 101 19.27 -12.64 -8.52
N VAL C 102 19.76 -12.03 -7.43
CA VAL C 102 20.54 -12.76 -6.45
C VAL C 102 20.03 -12.46 -5.04
N ILE C 103 20.30 -13.39 -4.12
CA ILE C 103 19.81 -13.26 -2.77
C ILE C 103 20.85 -13.82 -1.81
N SER C 104 20.92 -13.26 -0.62
CA SER C 104 21.67 -13.84 0.50
C SER C 104 20.97 -13.48 1.79
N ILE C 105 21.19 -14.27 2.82
CA ILE C 105 20.53 -14.07 4.11
C ILE C 105 21.53 -13.71 5.19
N HIS C 106 21.46 -12.48 5.69
CA HIS C 106 22.29 -12.00 6.79
C HIS C 106 21.54 -10.91 7.53
N PRO C 107 21.61 -10.92 8.87
CA PRO C 107 21.14 -9.77 9.65
C PRO C 107 21.94 -8.54 9.23
N VAL C 108 21.36 -7.34 9.35
CA VAL C 108 22.08 -6.14 8.94
C VAL C 108 23.44 -6.03 9.65
N ALA C 109 23.47 -6.43 10.91
CA ALA C 109 24.71 -6.39 11.69
C ALA C 109 25.81 -7.23 11.04
N GLU C 110 25.44 -8.19 10.21
CA GLU C 110 26.45 -9.07 9.63
C GLU C 110 26.61 -8.84 8.13
N LEU C 111 25.82 -7.92 7.58
CA LEU C 111 25.90 -7.59 6.15
C LEU C 111 27.19 -6.85 5.83
N THR C 112 27.90 -7.28 4.81
CA THR C 112 29.06 -6.55 4.34
C THR C 112 28.66 -5.58 3.23
N GLU C 113 29.53 -4.64 2.90
CA GLU C 113 29.29 -3.77 1.76
C GLU C 113 29.19 -4.57 0.46
N ARG C 114 29.99 -5.64 0.37
CA ARG C 114 29.93 -6.51 -0.80
C ARG C 114 28.54 -7.14 -0.93
N ASP C 115 27.99 -7.58 0.20
CA ASP C 115 26.64 -8.16 0.24
C ASP C 115 25.61 -7.17 -0.26
N TRP C 116 25.70 -5.94 0.26
CA TRP C 116 24.77 -4.88 -0.12
C TRP C 116 24.90 -4.57 -1.61
N ASP C 117 26.12 -4.34 -2.06
CA ASP C 117 26.35 -3.93 -3.43
C ASP C 117 25.96 -5.01 -4.44
N PHE C 118 26.25 -6.27 -4.12
CA PHE C 118 25.97 -7.37 -5.03
C PHE C 118 24.47 -7.45 -5.31
N VAL C 119 23.69 -7.43 -4.24
CA VAL C 119 22.26 -7.54 -4.40
C VAL C 119 21.67 -6.28 -5.05
N MET C 120 22.13 -5.10 -4.66
CA MET C 120 21.58 -3.89 -5.25
C MET C 120 21.98 -3.75 -6.72
N ASN C 121 23.24 -4.07 -7.04
CA ASN C 121 23.71 -3.92 -8.40
C ASN C 121 23.07 -4.92 -9.36
N VAL C 122 22.98 -6.18 -8.95
CA VAL C 122 22.34 -7.16 -9.82
C VAL C 122 20.84 -6.91 -9.90
N ASN C 123 20.19 -6.80 -8.75
CA ASN C 123 18.73 -6.78 -8.74
C ASN C 123 18.12 -5.48 -9.21
N ALA C 124 18.68 -4.35 -8.78
CA ALA C 124 18.09 -3.07 -9.11
C ALA C 124 18.85 -2.39 -10.26
N LYS C 125 20.16 -2.21 -10.14
CA LYS C 125 20.87 -1.52 -11.21
C LYS C 125 20.79 -2.32 -12.53
N GLY C 126 20.86 -3.64 -12.45
CA GLY C 126 20.74 -4.48 -13.64
C GLY C 126 19.40 -4.29 -14.35
N THR C 127 18.35 -4.09 -13.56
CA THR C 127 17.02 -3.82 -14.10
C THR C 127 16.97 -2.44 -14.74
N PHE C 128 17.55 -1.46 -14.08
CA PHE C 128 17.68 -0.12 -14.67
C PHE C 128 18.43 -0.16 -16.00
N LEU C 129 19.55 -0.87 -16.04
CA LEU C 129 20.36 -0.92 -17.27
C LEU C 129 19.63 -1.62 -18.41
N GLY C 130 18.92 -2.69 -18.09
CA GLY C 130 18.16 -3.43 -19.08
C GLY C 130 17.06 -2.57 -19.65
N CYS C 131 16.29 -1.93 -18.77
CA CYS C 131 15.22 -1.07 -19.23
C CYS C 131 15.74 0.06 -20.09
N ARG C 132 16.80 0.72 -19.63
CA ARG C 132 17.36 1.85 -20.35
C ARG C 132 17.80 1.45 -21.76
N ALA C 133 18.37 0.26 -21.90
CA ALA C 133 18.91 -0.17 -23.20
C ALA C 133 17.81 -0.43 -24.24
N ALA C 134 16.61 -0.77 -23.76
CA ALA C 134 15.52 -1.15 -24.66
C ALA C 134 14.62 0.01 -25.03
N LEU C 135 14.77 1.14 -24.34
CA LEU C 135 13.85 2.26 -24.48
C LEU C 135 13.75 2.80 -25.89
N ALA C 136 14.91 3.07 -26.51
CA ALA C 136 14.91 3.73 -27.80
C ALA C 136 14.12 2.92 -28.83
N HIS C 137 14.35 1.62 -28.85
CA HIS C 137 13.65 0.76 -29.80
C HIS C 137 12.16 0.63 -29.52
N LEU C 138 11.80 0.36 -28.28
CA LEU C 138 10.39 0.16 -27.94
C LEU C 138 9.58 1.45 -28.15
N LYS C 139 10.14 2.58 -27.75
CA LYS C 139 9.47 3.85 -27.98
C LYS C 139 9.27 4.11 -29.47
N ALA C 140 10.30 3.81 -30.26
CA ALA C 140 10.24 4.09 -31.69
C ALA C 140 9.14 3.28 -32.36
N GLN C 141 8.94 2.04 -31.92
CA GLN C 141 7.95 1.23 -32.60
C GLN C 141 6.55 1.44 -32.02
N GLY C 142 6.45 2.24 -30.97
CA GLY C 142 5.16 2.66 -30.43
C GLY C 142 4.40 1.58 -29.67
N ARG C 143 5.10 0.50 -29.33
CA ARG C 143 4.53 -0.59 -28.57
C ARG C 143 5.64 -1.40 -27.91
N GLY C 144 5.43 -1.82 -26.67
CA GLY C 144 6.43 -2.62 -26.01
C GLY C 144 5.92 -3.04 -24.65
N ARG C 145 6.56 -4.06 -24.10
CA ARG C 145 6.23 -4.57 -22.78
C ARG C 145 7.53 -4.73 -22.01
N ILE C 146 7.65 -4.04 -20.89
CA ILE C 146 8.77 -4.25 -20.00
C ILE C 146 8.25 -4.93 -18.74
N ILE C 147 8.86 -6.05 -18.38
CA ILE C 147 8.38 -6.87 -17.27
C ILE C 147 9.52 -7.14 -16.33
N ASN C 148 9.46 -6.53 -15.15
CA ASN C 148 10.52 -6.67 -14.15
C ASN C 148 10.11 -7.71 -13.11
N VAL C 149 11.03 -8.57 -12.73
CA VAL C 149 10.67 -9.55 -11.72
C VAL C 149 11.23 -9.06 -10.40
N ALA C 150 10.33 -8.63 -9.53
CA ALA C 150 10.71 -8.16 -8.20
C ALA C 150 10.59 -9.33 -7.22
N SER C 151 9.71 -9.18 -6.23
CA SER C 151 9.52 -10.18 -5.17
C SER C 151 8.51 -9.63 -4.19
N ILE C 152 7.87 -10.49 -3.39
CA ILE C 152 7.06 -10.00 -2.28
C ILE C 152 7.94 -9.27 -1.26
N ALA C 153 9.26 -9.51 -1.30
CA ALA C 153 10.21 -8.76 -0.46
C ALA C 153 10.38 -7.33 -0.96
N GLY C 154 9.75 -7.01 -2.10
CA GLY C 154 9.64 -5.64 -2.55
C GLY C 154 8.37 -4.95 -2.05
N LYS C 155 7.57 -5.68 -1.29
CA LYS C 155 6.32 -5.18 -0.70
C LYS C 155 6.37 -5.18 0.82
N GLU C 156 7.14 -6.10 1.38
CA GLU C 156 7.29 -6.21 2.83
C GLU C 156 8.77 -6.33 3.15
N GLY C 157 9.24 -5.66 4.19
CA GLY C 157 10.62 -5.87 4.60
C GLY C 157 10.75 -7.24 5.26
N PHE C 158 11.73 -8.03 4.82
CA PHE C 158 12.00 -9.34 5.43
C PHE C 158 13.23 -9.25 6.32
N PRO C 159 13.10 -9.64 7.60
CA PRO C 159 14.28 -9.64 8.48
C PRO C 159 15.34 -10.61 7.95
N ASN C 160 16.61 -10.21 8.09
CA ASN C 160 17.78 -10.92 7.57
C ASN C 160 17.87 -10.91 6.06
N LEU C 161 16.98 -10.15 5.43
CA LEU C 161 16.98 -9.91 4.00
C LEU C 161 16.78 -8.43 3.72
N ALA C 162 17.26 -7.59 4.62
CA ALA C 162 17.00 -6.16 4.54
C ALA C 162 17.57 -5.57 3.25
N HIS C 163 18.74 -6.05 2.85
CA HIS C 163 19.38 -5.60 1.61
C HIS C 163 18.63 -6.12 0.40
N TYR C 164 18.19 -7.37 0.46
CA TYR C 164 17.41 -7.95 -0.61
C TYR C 164 16.10 -7.20 -0.76
N SER C 165 15.43 -6.96 0.38
CA SER C 165 14.23 -6.13 0.37
C SER C 165 14.48 -4.74 -0.22
N ALA C 166 15.57 -4.08 0.19
CA ALA C 166 15.85 -2.77 -0.36
C ALA C 166 15.91 -2.81 -1.90
N SER C 167 16.60 -3.82 -2.41
CA SER C 167 16.82 -3.94 -3.86
C SER C 167 15.50 -4.23 -4.58
N LYS C 168 14.62 -4.99 -3.93
CA LYS C 168 13.38 -5.36 -4.58
C LYS C 168 12.34 -4.25 -4.44
N PHE C 169 12.35 -3.53 -3.31
CA PHE C 169 11.56 -2.32 -3.20
C PHE C 169 11.96 -1.35 -4.31
N ALA C 170 13.26 -1.22 -4.53
CA ALA C 170 13.81 -0.37 -5.59
C ALA C 170 13.23 -0.75 -6.96
N VAL C 171 13.14 -2.04 -7.23
CA VAL C 171 12.61 -2.48 -8.51
C VAL C 171 11.14 -2.11 -8.64
N VAL C 172 10.36 -2.28 -7.57
CA VAL C 172 8.94 -1.92 -7.60
C VAL C 172 8.79 -0.42 -7.87
N GLY C 173 9.55 0.41 -7.15
CA GLY C 173 9.44 1.84 -7.33
C GLY C 173 9.92 2.29 -8.70
N PHE C 174 11.02 1.69 -9.15
CA PHE C 174 11.56 1.99 -10.48
C PHE C 174 10.53 1.64 -11.58
N THR C 175 9.91 0.48 -11.43
CA THR C 175 8.89 0.01 -12.38
C THR C 175 7.77 1.03 -12.51
N ASN C 176 7.24 1.46 -11.36
CA ASN C 176 6.11 2.39 -11.37
C ASN C 176 6.51 3.73 -11.98
N ALA C 177 7.71 4.21 -11.64
CA ALA C 177 8.17 5.49 -12.16
C ALA C 177 8.37 5.43 -13.67
N LEU C 178 9.00 4.37 -14.16
CA LEU C 178 9.27 4.23 -15.60
C LEU C 178 7.96 4.06 -16.37
N ALA C 179 7.02 3.36 -15.75
CA ALA C 179 5.70 3.20 -16.34
C ALA C 179 5.09 4.55 -16.67
N LYS C 180 5.21 5.48 -15.74
CA LYS C 180 4.64 6.80 -15.93
C LYS C 180 5.39 7.58 -17.00
N GLU C 181 6.70 7.40 -17.10
CA GLU C 181 7.46 8.06 -18.16
C GLU C 181 7.02 7.60 -19.56
N LEU C 182 6.68 6.32 -19.68
CA LEU C 182 6.40 5.71 -20.99
C LEU C 182 4.90 5.53 -21.25
N ALA C 183 4.06 6.08 -20.38
CA ALA C 183 2.62 5.79 -20.46
C ALA C 183 1.98 6.30 -21.77
N ARG C 184 2.56 7.32 -22.39
CA ARG C 184 2.01 7.82 -23.64
C ARG C 184 2.85 7.41 -24.85
N ASP C 185 3.76 6.46 -24.61
CA ASP C 185 4.67 5.96 -25.64
C ASP C 185 4.28 4.57 -26.13
N GLY C 186 3.22 4.01 -25.55
CA GLY C 186 2.73 2.71 -25.97
C GLY C 186 3.51 1.54 -25.37
N VAL C 187 4.36 1.85 -24.41
CA VAL C 187 5.14 0.83 -23.73
C VAL C 187 4.59 0.67 -22.32
N THR C 188 4.21 -0.55 -21.94
CA THR C 188 3.82 -0.76 -20.55
C THR C 188 4.99 -1.30 -19.76
N VAL C 189 4.99 -0.99 -18.46
CA VAL C 189 6.04 -1.40 -17.54
C VAL C 189 5.38 -1.94 -16.27
N ASN C 190 5.60 -3.21 -15.97
CA ASN C 190 4.99 -3.87 -14.83
C ASN C 190 5.97 -4.78 -14.11
N ALA C 191 5.63 -5.17 -12.89
CA ALA C 191 6.49 -6.07 -12.14
C ALA C 191 5.77 -7.34 -11.75
N ILE C 192 6.50 -8.44 -11.81
CA ILE C 192 6.05 -9.70 -11.24
C ILE C 192 6.67 -9.84 -9.85
N CYS C 193 5.85 -10.11 -8.85
CA CYS C 193 6.35 -10.29 -7.48
C CYS C 193 6.14 -11.71 -6.99
N PRO C 194 7.15 -12.58 -7.20
CA PRO C 194 7.06 -13.97 -6.74
C PRO C 194 7.04 -14.09 -5.23
N GLY C 195 6.33 -15.08 -4.70
CA GLY C 195 6.33 -15.34 -3.28
C GLY C 195 7.52 -16.22 -2.97
N ILE C 196 7.25 -17.49 -2.74
CA ILE C 196 8.35 -18.43 -2.52
C ILE C 196 8.39 -19.41 -3.68
N VAL C 197 9.45 -19.33 -4.46
CA VAL C 197 9.71 -20.24 -5.56
C VAL C 197 10.98 -20.96 -5.16
N ARG C 198 10.87 -22.28 -4.99
CA ARG C 198 11.96 -23.03 -4.38
C ARG C 198 13.22 -22.91 -5.22
N THR C 199 14.30 -22.49 -4.55
CA THR C 199 15.62 -22.25 -5.14
C THR C 199 15.57 -21.62 -6.53
N VAL C 216 20.89 -23.22 5.14
CA VAL C 216 20.24 -21.99 5.59
C VAL C 216 19.12 -21.58 4.65
N GLU C 217 19.44 -21.54 3.35
CA GLU C 217 18.45 -21.14 2.35
C GLU C 217 17.26 -22.10 2.33
N GLN C 218 17.53 -23.39 2.46
CA GLN C 218 16.47 -24.40 2.45
C GLN C 218 15.59 -24.31 3.70
N SER C 219 16.23 -24.16 4.85
CA SER C 219 15.53 -24.02 6.11
C SER C 219 14.68 -22.76 6.10
N TRP C 220 15.24 -21.67 5.57
CA TRP C 220 14.51 -20.42 5.46
C TRP C 220 13.29 -20.59 4.53
N GLN C 221 13.52 -21.22 3.38
CA GLN C 221 12.44 -21.47 2.42
C GLN C 221 11.32 -22.30 3.03
N ARG C 222 11.70 -23.39 3.71
CA ARG C 222 10.74 -24.28 4.36
C ARG C 222 9.89 -23.56 5.40
N HIS C 223 10.53 -22.72 6.22
CA HIS C 223 9.79 -21.97 7.22
C HIS C 223 8.85 -20.93 6.60
N GLN C 224 9.27 -20.31 5.50
CA GLN C 224 8.44 -19.28 4.89
C GLN C 224 7.15 -19.88 4.34
N LEU C 225 7.20 -21.16 3.96
CA LEU C 225 6.02 -21.81 3.40
C LEU C 225 4.90 -21.89 4.42
N THR C 226 5.27 -21.99 5.71
CA THR C 226 4.28 -22.03 6.77
C THR C 226 3.57 -20.68 6.92
N LEU C 227 4.18 -19.62 6.40
CA LEU C 227 3.62 -18.27 6.48
C LEU C 227 2.72 -17.93 5.29
N ILE C 228 2.73 -18.79 4.28
CA ILE C 228 1.90 -18.60 3.10
C ILE C 228 0.51 -19.17 3.38
N PRO C 229 -0.55 -18.37 3.24
CA PRO C 229 -1.90 -18.85 3.52
C PRO C 229 -2.23 -20.16 2.78
N GLN C 230 -1.83 -20.28 1.51
CA GLN C 230 -2.07 -21.53 0.80
C GLN C 230 -1.14 -22.65 1.25
N GLY C 231 -0.05 -22.27 1.92
CA GLY C 231 0.84 -23.25 2.52
C GLY C 231 1.68 -24.04 1.54
N ARG C 232 1.86 -23.50 0.33
CA ARG C 232 2.65 -24.16 -0.68
C ARG C 232 3.38 -23.13 -1.52
N ALA C 233 4.44 -23.54 -2.19
CA ALA C 233 5.24 -22.63 -2.99
C ALA C 233 4.57 -22.28 -4.32
N GLN C 234 5.08 -21.25 -4.97
CA GLN C 234 4.64 -20.93 -6.33
C GLN C 234 5.72 -21.38 -7.31
N THR C 235 5.39 -21.36 -8.60
CA THR C 235 6.26 -21.97 -9.59
C THR C 235 6.71 -20.99 -10.66
N PRO C 236 7.81 -21.32 -11.36
CA PRO C 236 8.20 -20.51 -12.52
C PRO C 236 7.08 -20.39 -13.55
N GLU C 237 6.30 -21.46 -13.69
CA GLU C 237 5.19 -21.44 -14.64
C GLU C 237 4.11 -20.42 -14.24
N ASP C 238 3.84 -20.31 -12.94
CA ASP C 238 2.93 -19.27 -12.42
C ASP C 238 3.44 -17.89 -12.84
N MET C 239 4.75 -17.70 -12.74
CA MET C 239 5.33 -16.41 -13.07
C MET C 239 5.23 -16.15 -14.56
N GLY C 240 5.42 -17.21 -15.35
CA GLY C 240 5.27 -17.11 -16.80
C GLY C 240 3.86 -16.72 -17.19
N ARG C 241 2.86 -17.26 -16.50
CA ARG C 241 1.47 -16.89 -16.76
C ARG C 241 1.20 -15.39 -16.51
N LEU C 242 1.81 -14.83 -15.47
CA LEU C 242 1.66 -13.41 -15.22
C LEU C 242 2.42 -12.59 -16.26
N ALA C 243 3.61 -13.07 -16.64
CA ALA C 243 4.35 -12.42 -17.71
C ALA C 243 3.52 -12.38 -19.00
N LEU C 244 2.84 -13.48 -19.33
CA LEU C 244 2.02 -13.52 -20.53
C LEU C 244 0.83 -12.55 -20.43
N PHE C 245 0.25 -12.46 -19.24
CA PHE C 245 -0.83 -11.50 -18.98
C PHE C 245 -0.36 -10.07 -19.25
N PHE C 246 0.74 -9.66 -18.62
CA PHE C 246 1.26 -8.31 -18.87
C PHE C 246 1.55 -8.10 -20.36
N ALA C 247 2.15 -9.10 -21.00
CA ALA C 247 2.52 -8.95 -22.40
C ALA C 247 1.31 -8.80 -23.31
N THR C 248 0.13 -9.15 -22.82
CA THR C 248 -1.06 -9.08 -23.66
C THR C 248 -2.14 -8.15 -23.10
N MET C 249 -1.74 -7.22 -22.23
CA MET C 249 -2.68 -6.25 -21.65
C MET C 249 -2.22 -4.82 -21.87
N ASP C 250 -2.77 -4.19 -22.91
CA ASP C 250 -2.43 -2.80 -23.26
C ASP C 250 -2.69 -1.81 -22.14
N ASN C 251 -3.72 -2.06 -21.35
CA ASN C 251 -4.21 -1.02 -20.44
C ASN C 251 -3.80 -1.25 -18.98
N VAL C 252 -2.87 -2.17 -18.80
CA VAL C 252 -2.26 -2.42 -17.48
C VAL C 252 -0.83 -1.92 -17.50
N THR C 253 -0.51 -0.96 -16.66
CA THR C 253 0.87 -0.48 -16.56
C THR C 253 1.12 0.06 -15.16
N GLY C 254 2.38 0.00 -14.74
CA GLY C 254 2.80 0.52 -13.44
C GLY C 254 2.56 -0.42 -12.28
N GLN C 255 1.99 -1.59 -12.56
CA GLN C 255 1.56 -2.52 -11.53
C GLN C 255 2.68 -3.43 -11.07
N ALA C 256 2.56 -3.93 -9.84
CA ALA C 256 3.45 -4.94 -9.28
C ALA C 256 2.58 -6.01 -8.65
N VAL C 257 2.34 -7.10 -9.38
CA VAL C 257 1.33 -8.07 -8.98
C VAL C 257 1.95 -9.28 -8.27
N ASN C 258 1.38 -9.63 -7.13
CA ASN C 258 1.94 -10.68 -6.31
C ASN C 258 1.40 -12.03 -6.71
N VAL C 259 2.32 -12.96 -6.91
CA VAL C 259 1.96 -14.35 -7.14
C VAL C 259 2.56 -15.10 -5.97
N ASP C 260 1.78 -15.27 -4.90
CA ASP C 260 2.38 -15.61 -3.61
C ASP C 260 1.49 -16.39 -2.65
N GLY C 261 0.41 -17.00 -3.15
CA GLY C 261 -0.46 -17.81 -2.31
C GLY C 261 -1.11 -17.03 -1.17
N GLY C 262 -1.15 -15.70 -1.29
CA GLY C 262 -1.86 -14.88 -0.34
C GLY C 262 -0.99 -14.20 0.71
N PHE C 263 0.32 -14.31 0.57
CA PHE C 263 1.21 -13.77 1.61
C PHE C 263 1.00 -12.27 1.82
N THR C 264 0.95 -11.50 0.74
CA THR C 264 0.67 -10.07 0.85
C THR C 264 -0.20 -9.66 -0.34
N PHE C 265 -0.95 -8.57 -0.21
CA PHE C 265 -1.74 -8.10 -1.35
C PHE C 265 -1.43 -6.65 -1.67
N HIS C 266 -0.39 -6.12 -1.04
CA HIS C 266 -0.01 -4.72 -1.25
C HIS C 266 0.95 -4.60 -2.42
N ALA D 11 10.86 18.44 28.43
CA ALA D 11 12.02 17.92 27.70
C ALA D 11 12.03 16.39 27.70
N PRO D 12 11.22 15.78 26.83
CA PRO D 12 11.12 14.32 26.76
C PRO D 12 12.44 13.63 26.43
N LEU D 13 13.36 14.35 25.79
CA LEU D 13 14.60 13.71 25.36
C LEU D 13 15.79 14.11 26.22
N GLU D 14 15.51 14.64 27.42
CA GLU D 14 16.57 15.09 28.32
C GLU D 14 17.55 13.96 28.61
N GLY D 15 18.84 14.24 28.45
CA GLY D 15 19.86 13.24 28.71
C GLY D 15 20.18 12.35 27.54
N GLN D 16 19.45 12.51 26.45
CA GLN D 16 19.67 11.67 25.27
C GLN D 16 20.58 12.34 24.24
N VAL D 17 21.10 11.52 23.34
CA VAL D 17 21.99 11.98 22.28
C VAL D 17 21.46 11.54 20.93
N ALA D 18 21.40 12.47 19.97
CA ALA D 18 21.00 12.14 18.62
C ALA D 18 22.11 12.49 17.65
N ILE D 19 22.33 11.59 16.69
CA ILE D 19 23.12 11.87 15.49
C ILE D 19 22.17 12.23 14.36
N VAL D 20 22.43 13.33 13.66
CA VAL D 20 21.64 13.65 12.47
C VAL D 20 22.56 13.81 11.27
N THR D 21 22.53 12.85 10.35
CA THR D 21 23.30 12.98 9.11
C THR D 21 22.56 13.91 8.18
N GLY D 22 23.28 14.67 7.37
CA GLY D 22 22.67 15.76 6.61
C GLY D 22 22.11 16.84 7.54
N GLY D 23 22.65 16.93 8.75
CA GLY D 23 22.04 17.78 9.77
C GLY D 23 22.32 19.27 9.68
N ALA D 24 23.14 19.69 8.71
CA ALA D 24 23.60 21.07 8.69
C ALA D 24 22.59 22.03 8.06
N ARG D 25 21.69 21.51 7.24
CA ARG D 25 20.70 22.38 6.59
C ARG D 25 19.43 21.62 6.22
N GLY D 26 18.47 22.36 5.67
CA GLY D 26 17.25 21.75 5.16
C GLY D 26 16.53 20.90 6.19
N ILE D 27 16.04 19.74 5.75
CA ILE D 27 15.27 18.85 6.62
C ILE D 27 16.07 18.36 7.83
N GLY D 28 17.32 17.96 7.60
CA GLY D 28 18.19 17.52 8.69
C GLY D 28 18.35 18.55 9.80
N ARG D 29 18.57 19.82 9.41
CA ARG D 29 18.64 20.90 10.40
C ARG D 29 17.33 21.02 11.18
N GLY D 30 16.21 20.97 10.47
CA GLY D 30 14.90 21.04 11.10
C GLY D 30 14.72 19.94 12.13
N ILE D 31 15.12 18.71 11.78
CA ILE D 31 15.01 17.60 12.71
C ILE D 31 15.95 17.79 13.90
N ALA D 32 17.20 18.17 13.63
CA ALA D 32 18.15 18.38 14.72
C ALA D 32 17.67 19.42 15.73
N LEU D 33 17.14 20.53 15.23
CA LEU D 33 16.74 21.63 16.10
C LEU D 33 15.49 21.27 16.89
N THR D 34 14.64 20.44 16.31
CA THR D 34 13.46 19.98 17.03
C THR D 34 13.83 19.01 18.13
N LEU D 35 14.70 18.06 17.83
CA LEU D 35 15.15 17.11 18.86
C LEU D 35 15.94 17.84 19.97
N ALA D 36 16.73 18.84 19.58
CA ALA D 36 17.46 19.66 20.56
C ALA D 36 16.50 20.43 21.44
N GLY D 37 15.45 20.99 20.85
CA GLY D 37 14.44 21.70 21.62
C GLY D 37 13.75 20.82 22.64
N ALA D 38 13.66 19.53 22.33
CA ALA D 38 13.01 18.56 23.19
C ALA D 38 13.99 17.95 24.20
N GLY D 39 15.24 18.40 24.19
CA GLY D 39 16.17 18.04 25.25
C GLY D 39 17.41 17.26 24.85
N ALA D 40 17.51 16.86 23.59
CA ALA D 40 18.63 16.03 23.13
C ALA D 40 19.87 16.84 22.76
N ASN D 41 21.03 16.30 23.12
CA ASN D 41 22.30 16.81 22.63
C ASN D 41 22.51 16.23 21.24
N ILE D 42 23.18 16.98 20.36
CA ILE D 42 23.22 16.62 18.94
C ILE D 42 24.62 16.48 18.36
N LEU D 43 24.87 15.38 17.67
CA LEU D 43 26.02 15.30 16.78
C LEU D 43 25.52 15.55 15.37
N LEU D 44 25.97 16.64 14.77
CA LEU D 44 25.61 17.00 13.39
C LEU D 44 26.64 16.44 12.42
N ALA D 45 26.17 15.65 11.46
CA ALA D 45 27.09 15.04 10.49
C ALA D 45 26.71 15.50 9.07
N ASP D 46 27.66 16.10 8.36
CA ASP D 46 27.38 16.62 7.02
C ASP D 46 28.69 16.88 6.29
N LEU D 47 28.60 17.47 5.10
CA LEU D 47 29.79 17.76 4.33
C LEU D 47 30.05 19.26 4.24
N LEU D 48 29.17 20.07 4.83
CA LEU D 48 29.25 21.53 4.71
C LEU D 48 29.83 22.17 5.97
N ASP D 49 31.08 22.63 5.91
CA ASP D 49 31.77 23.11 7.09
C ASP D 49 31.07 24.30 7.78
N ASP D 50 30.80 25.36 7.03
CA ASP D 50 30.21 26.55 7.65
C ASP D 50 28.78 26.28 8.13
N ALA D 51 28.04 25.49 7.36
CA ALA D 51 26.68 25.16 7.73
C ALA D 51 26.62 24.31 8.99
N LEU D 52 27.60 23.40 9.14
CA LEU D 52 27.70 22.60 10.34
C LEU D 52 27.93 23.50 11.57
N ASP D 53 28.86 24.45 11.43
CA ASP D 53 29.16 25.38 12.51
C ASP D 53 27.93 26.22 12.88
N ALA D 54 27.21 26.71 11.88
CA ALA D 54 26.07 27.60 12.13
C ALA D 54 24.96 26.85 12.87
N THR D 55 24.69 25.63 12.42
CA THR D 55 23.63 24.83 13.02
C THR D 55 24.03 24.36 14.41
N ALA D 56 25.32 24.09 14.61
CA ALA D 56 25.80 23.77 15.95
C ALA D 56 25.55 24.94 16.90
N ARG D 57 25.75 26.17 16.43
CA ARG D 57 25.49 27.34 17.27
C ARG D 57 24.01 27.42 17.65
N GLU D 58 23.14 27.03 16.73
CA GLU D 58 21.70 27.04 16.97
C GLU D 58 21.30 25.99 18.00
N VAL D 59 21.92 24.82 17.94
CA VAL D 59 21.67 23.77 18.92
C VAL D 59 22.11 24.27 20.30
N ARG D 60 23.26 24.92 20.35
CA ARG D 60 23.75 25.42 21.62
C ARG D 60 22.89 26.54 22.16
N ALA D 61 22.31 27.32 21.26
CA ALA D 61 21.42 28.43 21.65
C ALA D 61 20.16 27.90 22.30
N LEU D 62 19.84 26.63 22.04
CA LEU D 62 18.70 25.98 22.68
C LEU D 62 19.08 25.41 24.05
N GLY D 63 20.34 25.58 24.43
CA GLY D 63 20.81 25.10 25.72
C GLY D 63 21.38 23.70 25.70
N ARG D 64 21.56 23.15 24.51
CA ARG D 64 22.06 21.79 24.36
C ARG D 64 23.53 21.78 23.98
N ARG D 65 24.16 20.62 24.14
CA ARG D 65 25.51 20.44 23.63
C ARG D 65 25.43 19.98 22.16
N ALA D 66 26.42 20.36 21.37
CA ALA D 66 26.49 19.99 19.97
C ALA D 66 27.89 19.54 19.61
N ALA D 67 27.98 18.50 18.80
CA ALA D 67 29.25 18.06 18.24
C ALA D 67 29.10 18.05 16.73
N ILE D 68 30.21 18.19 16.00
CA ILE D 68 30.12 18.16 14.54
C ILE D 68 31.07 17.13 13.95
N ALA D 69 30.60 16.48 12.90
CA ALA D 69 31.41 15.52 12.17
C ALA D 69 31.33 15.77 10.67
N LYS D 70 32.48 15.77 10.00
CA LYS D 70 32.52 15.83 8.56
C LYS D 70 32.39 14.41 8.01
N VAL D 71 31.22 14.08 7.47
CA VAL D 71 30.92 12.69 7.12
C VAL D 71 30.35 12.55 5.72
N ASP D 72 31.02 11.73 4.90
CA ASP D 72 30.47 11.23 3.64
C ASP D 72 29.80 9.92 3.96
N VAL D 73 28.46 9.89 3.97
CA VAL D 73 27.77 8.69 4.44
C VAL D 73 27.94 7.46 3.54
N THR D 74 28.54 7.62 2.36
CA THR D 74 28.82 6.45 1.52
C THR D 74 30.11 5.75 1.96
N GLN D 75 30.84 6.35 2.90
CA GLN D 75 32.12 5.81 3.35
C GLN D 75 31.99 5.17 4.72
N ALA D 76 32.08 3.84 4.78
CA ALA D 76 31.83 3.10 6.03
C ALA D 76 32.72 3.57 7.19
N ALA D 77 34.00 3.85 6.91
CA ALA D 77 34.90 4.26 7.99
C ALA D 77 34.48 5.58 8.61
N GLN D 78 33.99 6.48 7.79
CA GLN D 78 33.55 7.78 8.29
C GLN D 78 32.27 7.65 9.11
N VAL D 79 31.39 6.76 8.67
CA VAL D 79 30.16 6.49 9.41
C VAL D 79 30.46 5.82 10.75
N ASP D 80 31.37 4.87 10.77
CA ASP D 80 31.78 4.26 12.04
C ASP D 80 32.39 5.30 12.97
N ALA D 81 33.25 6.17 12.44
CA ALA D 81 33.90 7.19 13.26
C ALA D 81 32.88 8.17 13.81
N MET D 82 31.84 8.42 13.02
CA MET D 82 30.76 9.28 13.43
C MET D 82 30.08 8.72 14.70
N VAL D 83 29.76 7.43 14.70
CA VAL D 83 29.14 6.80 15.86
C VAL D 83 30.10 6.83 17.05
N ALA D 84 31.37 6.55 16.78
CA ALA D 84 32.37 6.56 17.85
C ALA D 84 32.48 7.95 18.47
N GLN D 85 32.34 8.99 17.64
CA GLN D 85 32.46 10.36 18.13
C GLN D 85 31.28 10.78 19.01
N ALA D 86 30.07 10.32 18.66
CA ALA D 86 28.92 10.59 19.52
C ALA D 86 29.14 9.99 20.91
N LEU D 87 29.65 8.77 20.95
CA LEU D 87 29.90 8.13 22.23
C LEU D 87 31.01 8.84 23.00
N ALA D 88 32.05 9.26 22.30
CA ALA D 88 33.21 9.86 22.96
C ALA D 88 32.98 11.32 23.35
N ASP D 89 32.40 12.10 22.45
CA ASP D 89 32.22 13.53 22.67
C ASP D 89 30.98 13.87 23.51
N LEU D 90 29.89 13.13 23.30
CA LEU D 90 28.64 13.45 23.97
C LEU D 90 28.24 12.41 25.02
N GLY D 91 29.02 11.35 25.14
CA GLY D 91 28.83 10.37 26.20
C GLY D 91 27.75 9.34 25.93
N GLY D 92 27.23 9.29 24.71
CA GLY D 92 26.21 8.29 24.41
C GLY D 92 25.58 8.41 23.04
N LEU D 93 24.53 7.63 22.82
CA LEU D 93 23.78 7.63 21.56
C LEU D 93 22.42 6.97 21.79
N ASP D 94 21.35 7.67 21.44
CA ASP D 94 20.01 7.12 21.63
C ASP D 94 19.19 7.13 20.36
N ILE D 95 19.47 8.12 19.51
CA ILE D 95 18.70 8.35 18.29
C ILE D 95 19.65 8.52 17.12
N LEU D 96 19.41 7.79 16.04
CA LEU D 96 20.12 8.01 14.78
C LEU D 96 19.14 8.46 13.73
N VAL D 97 19.36 9.65 13.17
CA VAL D 97 18.55 10.15 12.07
C VAL D 97 19.37 10.14 10.78
N ASN D 98 18.97 9.32 9.81
CA ASN D 98 19.64 9.30 8.52
C ASN D 98 18.91 10.24 7.56
N CYS D 99 19.47 11.44 7.37
CA CYS D 99 18.81 12.45 6.55
C CYS D 99 19.74 12.99 5.48
N ALA D 100 20.78 12.22 5.15
CA ALA D 100 21.61 12.58 4.00
C ALA D 100 20.84 12.18 2.75
N GLY D 101 20.79 13.06 1.76
CA GLY D 101 20.04 12.76 0.57
C GLY D 101 20.41 13.60 -0.62
N VAL D 102 20.35 13.01 -1.80
CA VAL D 102 20.61 13.74 -3.03
C VAL D 102 19.56 13.43 -4.06
N ILE D 103 19.36 14.36 -5.00
CA ILE D 103 18.32 14.19 -6.00
C ILE D 103 18.79 14.79 -7.32
N SER D 104 18.34 14.20 -8.43
CA SER D 104 18.49 14.81 -9.75
C SER D 104 17.29 14.41 -10.59
N ILE D 105 17.01 15.20 -11.61
CA ILE D 105 15.85 14.97 -12.47
C ILE D 105 16.29 14.66 -13.90
N HIS D 106 16.06 13.41 -14.32
CA HIS D 106 16.33 12.95 -15.69
C HIS D 106 15.38 11.80 -16.05
N PRO D 107 14.85 11.81 -17.28
CA PRO D 107 14.14 10.61 -17.77
C PRO D 107 15.10 9.42 -17.76
N VAL D 108 14.58 8.22 -17.64
CA VAL D 108 15.44 7.04 -17.62
C VAL D 108 16.34 6.99 -18.87
N ALA D 109 15.81 7.42 -20.00
CA ALA D 109 16.57 7.44 -21.25
C ALA D 109 17.81 8.31 -21.16
N GLU D 110 17.80 9.27 -20.23
CA GLU D 110 18.91 10.21 -20.13
C GLU D 110 19.74 10.00 -18.88
N LEU D 111 19.36 9.04 -18.04
CA LEU D 111 20.10 8.75 -16.81
C LEU D 111 21.42 8.08 -17.12
N THR D 112 22.50 8.57 -16.53
CA THR D 112 23.80 7.91 -16.64
C THR D 112 23.96 6.94 -15.49
N GLU D 113 24.95 6.06 -15.57
CA GLU D 113 25.28 5.20 -14.44
C GLU D 113 25.71 6.02 -13.23
N ARG D 114 26.41 7.11 -13.48
CA ARG D 114 26.81 8.01 -12.39
C ARG D 114 25.59 8.55 -11.66
N ASP D 115 24.57 8.96 -12.41
CA ASP D 115 23.32 9.47 -11.83
C ASP D 115 22.69 8.41 -10.94
N TRP D 116 22.60 7.19 -11.45
CA TRP D 116 22.01 6.09 -10.72
C TRP D 116 22.79 5.79 -9.43
N ASP D 117 24.09 5.61 -9.58
CA ASP D 117 24.93 5.20 -8.46
C ASP D 117 24.99 6.27 -7.37
N PHE D 118 25.04 7.53 -7.78
CA PHE D 118 25.12 8.64 -6.82
C PHE D 118 23.92 8.65 -5.89
N VAL D 119 22.74 8.60 -6.48
CA VAL D 119 21.51 8.66 -5.71
C VAL D 119 21.32 7.39 -4.86
N MET D 120 21.60 6.23 -5.44
CA MET D 120 21.44 4.96 -4.71
C MET D 120 22.47 4.85 -3.58
N ASN D 121 23.71 5.24 -3.85
CA ASN D 121 24.76 5.15 -2.82
C ASN D 121 24.55 6.11 -1.67
N VAL D 122 24.21 7.37 -1.95
CA VAL D 122 23.96 8.32 -0.86
C VAL D 122 22.67 8.00 -0.12
N ASN D 123 21.56 7.86 -0.86
CA ASN D 123 20.26 7.75 -0.22
C ASN D 123 20.00 6.42 0.44
N ALA D 124 20.39 5.34 -0.24
CA ALA D 124 20.10 4.01 0.24
C ALA D 124 21.30 3.38 0.94
N LYS D 125 22.43 3.30 0.25
CA LYS D 125 23.59 2.67 0.88
C LYS D 125 24.06 3.46 2.12
N GLY D 126 24.00 4.78 2.03
CA GLY D 126 24.36 5.63 3.16
C GLY D 126 23.49 5.38 4.38
N THR D 127 22.22 5.08 4.15
CA THR D 127 21.31 4.76 5.24
C THR D 127 21.64 3.39 5.84
N PHE D 128 21.91 2.42 4.98
CA PHE D 128 22.36 1.10 5.42
C PHE D 128 23.61 1.23 6.30
N LEU D 129 24.59 1.97 5.82
CA LEU D 129 25.85 2.08 6.57
C LEU D 129 25.66 2.78 7.93
N GLY D 130 24.81 3.81 7.97
CA GLY D 130 24.55 4.53 9.20
C GLY D 130 23.87 3.62 10.21
N CYS D 131 22.83 2.94 9.76
CA CYS D 131 22.11 2.02 10.62
C CYS D 131 23.02 0.91 11.13
N ARG D 132 23.79 0.30 10.24
CA ARG D 132 24.66 -0.79 10.64
C ARG D 132 25.66 -0.34 11.68
N ALA D 133 26.18 0.87 11.54
CA ALA D 133 27.19 1.39 12.46
C ALA D 133 26.64 1.61 13.88
N ALA D 134 25.35 1.83 13.99
CA ALA D 134 24.75 2.15 15.31
C ALA D 134 24.21 0.94 16.06
N LEU D 135 24.07 -0.19 15.36
CA LEU D 135 23.36 -1.36 15.92
C LEU D 135 23.94 -1.89 17.20
N ALA D 136 25.26 -2.13 17.22
CA ALA D 136 25.89 -2.76 18.37
C ALA D 136 25.62 -1.94 19.64
N HIS D 137 25.75 -0.63 19.56
CA HIS D 137 25.53 0.21 20.71
C HIS D 137 24.06 0.25 21.14
N LEU D 138 23.16 0.47 20.19
CA LEU D 138 21.73 0.59 20.51
C LEU D 138 21.18 -0.72 21.05
N LYS D 139 21.58 -1.84 20.44
CA LYS D 139 21.15 -3.14 20.94
C LYS D 139 21.67 -3.40 22.34
N ALA D 140 22.92 -3.05 22.61
CA ALA D 140 23.52 -3.33 23.91
C ALA D 140 22.78 -2.54 24.99
N GLN D 141 22.35 -1.32 24.67
CA GLN D 141 21.73 -0.53 25.72
C GLN D 141 20.23 -0.82 25.82
N GLY D 142 19.73 -1.65 24.92
CA GLY D 142 18.35 -2.14 25.00
C GLY D 142 17.27 -1.14 24.71
N ARG D 143 17.65 -0.02 24.12
CA ARG D 143 16.71 1.02 23.75
C ARG D 143 17.34 1.89 22.69
N GLY D 144 16.57 2.29 21.69
CA GLY D 144 17.13 3.16 20.67
C GLY D 144 16.09 3.53 19.66
N ARG D 145 16.39 4.57 18.89
CA ARG D 145 15.51 5.03 17.84
C ARG D 145 16.30 5.23 16.56
N ILE D 146 15.92 4.51 15.51
CA ILE D 146 16.49 4.76 14.21
C ILE D 146 15.41 5.41 13.34
N ILE D 147 15.76 6.55 12.74
CA ILE D 147 14.78 7.32 11.97
C ILE D 147 15.37 7.65 10.63
N ASN D 148 14.84 7.03 9.60
CA ASN D 148 15.34 7.22 8.24
C ASN D 148 14.47 8.22 7.50
N VAL D 149 15.09 9.13 6.74
CA VAL D 149 14.27 10.09 6.01
C VAL D 149 14.23 9.63 4.57
N ALA D 150 13.08 9.09 4.17
CA ALA D 150 12.87 8.65 2.80
C ALA D 150 12.21 9.79 2.01
N SER D 151 11.01 9.58 1.49
CA SER D 151 10.30 10.55 0.64
C SER D 151 9.00 9.93 0.21
N ILE D 152 8.03 10.75 -0.20
CA ILE D 152 6.83 10.20 -0.86
C ILE D 152 7.20 9.51 -2.18
N ALA D 153 8.39 9.83 -2.70
CA ALA D 153 8.92 9.13 -3.87
C ALA D 153 9.37 7.71 -3.52
N GLY D 154 9.31 7.37 -2.23
CA GLY D 154 9.47 6.00 -1.79
C GLY D 154 8.14 5.25 -1.69
N LYS D 155 7.04 5.94 -2.01
CA LYS D 155 5.69 5.35 -1.99
C LYS D 155 5.06 5.32 -3.36
N GLU D 156 5.46 6.29 -4.19
CA GLU D 156 4.95 6.41 -5.55
C GLU D 156 6.13 6.60 -6.48
N GLY D 157 6.10 5.95 -7.64
CA GLY D 157 7.12 6.19 -8.64
C GLY D 157 6.90 7.57 -9.28
N PHE D 158 7.95 8.39 -9.31
CA PHE D 158 7.90 9.71 -9.95
C PHE D 158 8.60 9.70 -11.29
N PRO D 159 7.89 10.08 -12.37
CA PRO D 159 8.55 10.14 -13.67
C PRO D 159 9.67 11.18 -13.66
N ASN D 160 10.76 10.86 -14.36
CA ASN D 160 11.99 11.66 -14.41
C ASN D 160 12.74 11.67 -13.07
N LEU D 161 12.26 10.86 -12.13
CA LEU D 161 12.90 10.63 -10.84
C LEU D 161 12.93 9.15 -10.52
N ALA D 162 13.03 8.31 -11.55
CA ALA D 162 12.92 6.87 -11.38
C ALA D 162 14.03 6.31 -10.49
N HIS D 163 15.23 6.85 -10.65
CA HIS D 163 16.39 6.47 -9.85
C HIS D 163 16.22 6.96 -8.42
N TYR D 164 15.72 8.17 -8.27
CA TYR D 164 15.46 8.71 -6.94
C TYR D 164 14.35 7.89 -6.25
N SER D 165 13.29 7.60 -6.98
CA SER D 165 12.24 6.71 -6.42
C SER D 165 12.83 5.34 -6.03
N ALA D 166 13.63 4.74 -6.89
CA ALA D 166 14.23 3.44 -6.54
C ALA D 166 14.98 3.53 -5.20
N SER D 167 15.74 4.60 -5.03
CA SER D 167 16.56 4.77 -3.84
C SER D 167 15.70 4.96 -2.59
N LYS D 168 14.57 5.64 -2.77
CA LYS D 168 13.73 5.95 -1.63
C LYS D 168 12.80 4.80 -1.29
N PHE D 169 12.34 4.07 -2.31
CA PHE D 169 11.66 2.80 -2.09
C PHE D 169 12.59 1.87 -1.30
N ALA D 170 13.85 1.84 -1.70
CA ALA D 170 14.85 1.02 -1.01
C ALA D 170 14.92 1.38 0.46
N VAL D 171 14.91 2.67 0.77
CA VAL D 171 14.94 3.09 2.17
C VAL D 171 13.69 2.64 2.93
N VAL D 172 12.52 2.76 2.30
CA VAL D 172 11.30 2.34 2.94
C VAL D 172 11.37 0.85 3.27
N GLY D 173 11.77 0.04 2.30
CA GLY D 173 11.83 -1.39 2.51
C GLY D 173 12.89 -1.77 3.52
N PHE D 174 14.03 -1.11 3.44
CA PHE D 174 15.12 -1.37 4.38
C PHE D 174 14.67 -1.08 5.83
N THR D 175 13.99 0.04 6.00
CA THR D 175 13.45 0.46 7.30
C THR D 175 12.54 -0.61 7.88
N ASN D 176 11.60 -1.09 7.08
CA ASN D 176 10.64 -2.08 7.58
C ASN D 176 11.33 -3.40 7.95
N ALA D 177 12.26 -3.84 7.11
CA ALA D 177 12.99 -5.08 7.38
C ALA D 177 13.84 -4.98 8.65
N LEU D 178 14.57 -3.88 8.80
CA LEU D 178 15.44 -3.69 9.96
C LEU D 178 14.61 -3.57 11.23
N ALA D 179 13.45 -2.93 11.12
CA ALA D 179 12.53 -2.85 12.25
C ALA D 179 12.21 -4.23 12.80
N LYS D 180 11.96 -5.16 11.89
CA LYS D 180 11.59 -6.51 12.28
C LYS D 180 12.78 -7.24 12.89
N GLU D 181 13.98 -6.98 12.37
CA GLU D 181 15.17 -7.58 12.99
C GLU D 181 15.36 -7.11 14.44
N LEU D 182 15.04 -5.85 14.73
CA LEU D 182 15.35 -5.24 16.03
C LEU D 182 14.14 -5.15 16.95
N ALA D 183 13.02 -5.76 16.53
CA ALA D 183 11.75 -5.56 17.23
C ALA D 183 11.77 -6.07 18.67
N ARG D 184 12.63 -7.05 18.96
CA ARG D 184 12.70 -7.56 20.33
C ARG D 184 13.97 -7.07 21.04
N ASP D 185 14.64 -6.10 20.41
CA ASP D 185 15.88 -5.53 20.95
C ASP D 185 15.67 -4.18 21.61
N GLY D 186 14.44 -3.68 21.57
CA GLY D 186 14.10 -2.40 22.18
C GLY D 186 14.46 -1.19 21.32
N VAL D 187 14.87 -1.44 20.09
CA VAL D 187 15.20 -0.38 19.16
C VAL D 187 14.09 -0.28 18.12
N THR D 188 13.51 0.90 17.97
CA THR D 188 12.52 1.07 16.91
C THR D 188 13.17 1.67 15.67
N VAL D 189 12.61 1.34 14.51
CA VAL D 189 13.12 1.78 13.21
C VAL D 189 11.95 2.27 12.38
N ASN D 190 11.96 3.56 12.02
CA ASN D 190 10.86 4.15 11.28
C ASN D 190 11.38 5.11 10.21
N ALA D 191 10.52 5.47 9.27
CA ALA D 191 10.90 6.41 8.23
C ALA D 191 10.00 7.62 8.20
N ILE D 192 10.59 8.78 7.93
CA ILE D 192 9.84 10.00 7.64
C ILE D 192 9.78 10.14 6.11
N CYS D 193 8.59 10.36 5.57
CA CYS D 193 8.44 10.53 4.13
C CYS D 193 7.94 11.92 3.78
N PRO D 194 8.87 12.86 3.56
CA PRO D 194 8.49 14.23 3.21
C PRO D 194 7.85 14.31 1.83
N GLY D 195 6.93 15.25 1.67
CA GLY D 195 6.31 15.48 0.38
C GLY D 195 7.19 16.41 -0.40
N ILE D 196 6.78 17.68 -0.47
CA ILE D 196 7.61 18.68 -1.13
C ILE D 196 8.11 19.67 -0.09
N VAL D 197 9.42 19.67 0.13
CA VAL D 197 10.06 20.62 1.03
C VAL D 197 10.98 21.46 0.16
N ARG D 198 10.70 22.75 0.08
CA ARG D 198 11.36 23.57 -0.91
C ARG D 198 12.87 23.56 -0.69
N THR D 199 13.58 23.19 -1.76
CA THR D 199 15.04 23.12 -1.82
C THR D 199 15.69 22.63 -0.53
N SER D 215 14.84 27.69 -13.29
CA SER D 215 15.49 26.49 -12.79
C SER D 215 14.60 25.26 -12.96
N VAL D 216 15.19 24.15 -13.38
CA VAL D 216 14.46 22.90 -13.56
C VAL D 216 13.87 22.40 -12.24
N GLU D 217 14.70 22.36 -11.21
CA GLU D 217 14.25 21.90 -9.89
C GLU D 217 13.15 22.80 -9.33
N GLN D 218 13.30 24.12 -9.52
CA GLN D 218 12.30 25.06 -9.01
C GLN D 218 10.98 24.94 -9.75
N SER D 219 11.07 24.84 -11.07
CA SER D 219 9.89 24.64 -11.91
C SER D 219 9.20 23.33 -11.56
N TRP D 220 10.00 22.29 -11.35
CA TRP D 220 9.46 21.00 -10.95
C TRP D 220 8.77 21.12 -9.58
N GLN D 221 9.44 21.76 -8.63
CA GLN D 221 8.89 21.97 -7.29
C GLN D 221 7.57 22.74 -7.34
N ARG D 222 7.57 23.83 -8.12
CA ARG D 222 6.38 24.67 -8.26
C ARG D 222 5.20 23.88 -8.82
N HIS D 223 5.46 23.04 -9.82
CA HIS D 223 4.40 22.22 -10.39
C HIS D 223 3.90 21.14 -9.44
N GLN D 224 4.80 20.57 -8.65
CA GLN D 224 4.39 19.49 -7.77
C GLN D 224 3.43 20.00 -6.70
N LEU D 225 3.55 21.27 -6.33
CA LEU D 225 2.68 21.84 -5.30
C LEU D 225 1.23 21.84 -5.75
N THR D 226 1.02 21.95 -7.06
CA THR D 226 -0.33 21.93 -7.60
C THR D 226 -0.96 20.55 -7.47
N LEU D 227 -0.12 19.52 -7.27
CA LEU D 227 -0.58 18.15 -7.11
C LEU D 227 -0.84 17.76 -5.65
N ILE D 228 -0.42 18.62 -4.72
CA ILE D 228 -0.60 18.40 -3.29
C ILE D 228 -1.99 18.88 -2.92
N PRO D 229 -2.82 18.02 -2.32
CA PRO D 229 -4.17 18.45 -1.97
C PRO D 229 -4.22 19.76 -1.17
N GLN D 230 -3.31 19.93 -0.20
CA GLN D 230 -3.29 21.18 0.57
C GLN D 230 -2.72 22.34 -0.25
N GLY D 231 -2.03 22.01 -1.33
CA GLY D 231 -1.57 23.01 -2.27
C GLY D 231 -0.43 23.87 -1.75
N ARG D 232 0.29 23.37 -0.75
CA ARG D 232 1.41 24.11 -0.19
C ARG D 232 2.49 23.13 0.26
N ALA D 233 3.72 23.61 0.38
CA ALA D 233 4.84 22.75 0.76
C ALA D 233 4.82 22.39 2.25
N GLN D 234 5.61 21.38 2.62
CA GLN D 234 5.81 21.05 4.03
C GLN D 234 7.17 21.59 4.44
N THR D 235 7.48 21.57 5.74
CA THR D 235 8.67 22.27 6.23
C THR D 235 9.62 21.33 6.95
N PRO D 236 10.89 21.74 7.11
CA PRO D 236 11.80 20.95 7.93
C PRO D 236 11.27 20.75 9.37
N GLU D 237 10.58 21.77 9.90
CA GLU D 237 10.02 21.68 11.24
C GLU D 237 8.91 20.61 11.33
N ASP D 238 8.10 20.48 10.27
CA ASP D 238 7.13 19.39 10.18
C ASP D 238 7.84 18.04 10.32
N MET D 239 8.96 17.90 9.63
CA MET D 239 9.68 16.63 9.68
C MET D 239 10.26 16.41 11.07
N GLY D 240 10.72 17.48 11.71
CA GLY D 240 11.23 17.39 13.06
C GLY D 240 10.17 16.94 14.05
N ARG D 241 8.94 17.43 13.87
CA ARG D 241 7.83 16.99 14.71
C ARG D 241 7.59 15.48 14.58
N LEU D 242 7.69 14.96 13.36
CA LEU D 242 7.49 13.53 13.17
C LEU D 242 8.66 12.76 13.77
N ALA D 243 9.87 13.27 13.60
CA ALA D 243 11.03 12.65 14.23
C ALA D 243 10.87 12.59 15.75
N LEU D 244 10.38 13.67 16.35
CA LEU D 244 10.19 13.70 17.80
C LEU D 244 9.12 12.68 18.24
N PHE D 245 8.07 12.55 17.43
CA PHE D 245 7.05 11.53 17.67
C PHE D 245 7.66 10.12 17.70
N PHE D 246 8.37 9.73 16.63
CA PHE D 246 9.03 8.42 16.62
C PHE D 246 9.97 8.26 17.84
N ALA D 247 10.73 9.31 18.15
CA ALA D 247 11.71 9.23 19.23
C ALA D 247 11.06 9.01 20.58
N THR D 248 9.75 9.27 20.69
CA THR D 248 9.09 9.13 21.99
C THR D 248 7.94 8.14 21.93
N MET D 249 7.97 7.23 20.95
CA MET D 249 6.92 6.22 20.83
C MET D 249 7.51 4.81 20.79
N ASP D 250 7.52 4.17 21.96
CA ASP D 250 8.05 2.82 22.11
C ASP D 250 7.36 1.80 21.20
N ASN D 251 6.06 1.97 20.98
CA ASN D 251 5.29 0.90 20.35
C ASN D 251 4.98 1.16 18.86
N VAL D 252 5.69 2.12 18.29
CA VAL D 252 5.62 2.38 16.85
C VAL D 252 6.94 1.95 16.24
N THR D 253 6.90 0.98 15.32
CA THR D 253 8.12 0.60 14.62
C THR D 253 7.77 0.04 13.26
N GLY D 254 8.71 0.16 12.32
CA GLY D 254 8.52 -0.36 10.98
C GLY D 254 7.69 0.51 10.06
N GLN D 255 7.26 1.68 10.56
CA GLN D 255 6.36 2.56 9.82
C GLN D 255 7.11 3.52 8.89
N ALA D 256 6.43 3.97 7.85
CA ALA D 256 6.95 5.02 6.95
C ALA D 256 5.84 6.06 6.77
N VAL D 257 5.91 7.14 7.55
CA VAL D 257 4.79 8.06 7.67
C VAL D 257 4.96 9.28 6.77
N ASN D 258 3.92 9.59 6.00
CA ASN D 258 3.98 10.68 5.04
C ASN D 258 3.58 12.01 5.67
N VAL D 259 4.44 13.01 5.46
CA VAL D 259 4.18 14.38 5.85
C VAL D 259 4.19 15.15 4.54
N ASP D 260 3.00 15.29 3.93
CA ASP D 260 2.96 15.62 2.51
C ASP D 260 1.70 16.33 2.05
N GLY D 261 0.93 16.87 3.00
CA GLY D 261 -0.26 17.63 2.61
C GLY D 261 -1.30 16.80 1.88
N GLY D 262 -1.23 15.48 1.99
CA GLY D 262 -2.26 14.61 1.43
C GLY D 262 -1.95 13.95 0.10
N PHE D 263 -0.72 14.11 -0.38
CA PHE D 263 -0.36 13.60 -1.70
C PHE D 263 -0.56 12.09 -1.82
N THR D 264 -0.07 11.33 -0.84
CA THR D 264 -0.25 9.88 -0.81
C THR D 264 -0.49 9.45 0.64
N PHE D 265 -1.13 8.30 0.85
CA PHE D 265 -1.30 7.82 2.22
C PHE D 265 -0.79 6.40 2.36
N HIS D 266 -0.10 5.92 1.34
CA HIS D 266 0.41 4.55 1.37
C HIS D 266 1.76 4.40 2.04
#